data_4UU0
#
_entry.id   4UU0
#
_cell.length_a   71.170
_cell.length_b   71.170
_cell.length_c   583.230
_cell.angle_alpha   90.00
_cell.angle_beta   90.00
_cell.angle_gamma   90.00
#
_symmetry.space_group_name_H-M   'P 41 21 2'
#
loop_
_entity.id
_entity.type
_entity.pdbx_description
1 polymer SERCA1A
2 non-polymer 'OCTANOIC ACID [3S-[3ALPHA, 3ABETA, 4ALPHA, 6BETA, 6ABETA, 7BETA, 8ALPHA(Z), 9BALPHA]]-6-(ACETYLOXY)-2,3,-3A,4,5,6,6A,7,8,9B-DECAHYDRO-3,3A-DIHYDROXY-3,6,9-TRIMETHYL-8-[(2-METHYL-1-OXO-2-BUTENYL)OX Y]-2-OXO-4-(1-OXOBUTOXY)-AZULENO[4,5-B]FURAN-7-YL ESTER'
3 non-polymer GLYCEROL
4 non-polymer 'POTASSIUM ION'
5 non-polymer 'MAGNESIUM ION'
6 non-polymer 'TERTIARY-BUTYL ALCOHOL'
7 non-polymer 'SULFATE ION'
8 water water
#
_entity_poly.entity_id   1
_entity_poly.type   'polypeptide(L)'
_entity_poly.pdbx_seq_one_letter_code
;(ACE)MEAAHSKSTEECLAYFGVSETTGLTPDQVKRHLEKYGHNELPAEEGKSLWELVIEQFEDLLVRILLLAACISFVL
AWFEEGEETITAFVEPFVILLILIANAIVGVWQERNAENAIEALKEYEPEMGKVYRADRKSVQRIKARDIVPGDIVEVAV
GDKVPADIRILSIKSTTLRVDQSILTGESVSVIKHTEPVPDPRAVNQDKKNMLFSGTNIAAGKALGIVATTGVSTEIGKI
RDQMAATEQDKTPLQQKLDEFGEQLSKVISLICVAVWLINIGHFNDPVHGGSWIRGAIYYFKIAVALAVAAIPEGLPAVI
TTCLALGTRRMAKKNAIVRSLPSVETLGCTSVICSDKTGTLTTNQMSVCKMFIIDKVDGDFCSLNEFSITGSTYAPEGEV
LKNDKPIRSGQFDGLVELATICALCNDSSLDFNETKGVYEKVGEATETALTTLVEKMNVFNTEVRNLSKVERANACNSVI
RQLMKKEFTLEFSRDRKSMSVYCSPAKSSRAAVGNKMFVKGAPEGVIDRCNYVRVGTTRVPMTGPVKEKILSVIKEWGTG
RDTLRCLALATRDTPPKREEMVLDDSSRFMEYETDLTFVGVVGMLDPPRKEVMGSIQLCRDAGIRVIMITGDNKGTAIAI
CRRIGIFGENEEVADRAYTGREFDDLPLAEQREACRRACCFARVEPSHKSKIVEYLQSYDEITAMTGDGVNDAPALKKAE
IGIAMGSGTAVAKTASEMVLADDNFSTIVAAVEEGRAIYNNMKQFIRYLISSNVGEVVCIFLTAALGLPEALIPVQLLWV
NLVTDGLPATALGFNPPDLDIMDRPPRSPKEPLISGWLFFRYMAIGGYVGAATVGAAAWWFMYAEDGPGVTYHQLTHFMQ
CTEDHPHFEGLDCEIFEAPEPMTMALSVLVTIEMCNALNSLSENQSLMRMPPWVNIWLLGSICLSMSLHFLILYVDPLPM
IFKLKALDLTQWLMVLKISLPVIGLDEILKFIARNYLEG
;
_entity_poly.pdbx_strand_id   A
#
loop_
_chem_comp.id
_chem_comp.type
_chem_comp.name
_chem_comp.formula
ACE non-polymer 'ACETYL GROUP' 'C2 H4 O'
GOL non-polymer GLYCEROL 'C3 H8 O3'
K non-polymer 'POTASSIUM ION' 'K 1'
MG non-polymer 'MAGNESIUM ION' 'Mg 2'
SO4 non-polymer 'SULFATE ION' 'O4 S -2'
TBU non-polymer 'TERTIARY-BUTYL ALCOHOL' 'C4 H10 O'
TG1 non-polymer 'OCTANOIC ACID [3S-[3ALPHA, 3ABETA, 4ALPHA, 6BETA, 6ABETA, 7BETA, 8ALPHA(Z), 9BALPHA]]-6-(ACETYLOXY)-2,3,-3A,4,5,6,6A,7,8,9B-DECAHYDRO-3,3A-DIHYDROXY-3,6,9-TRIMETHYL-8-[(2-METHYL-1-OXO-2-BUTENYL)OX Y]-2-OXO-4-(1-OXOBUTOXY)-AZULENO[4,5-B]FURAN-7-YL ESTER' 'C34 H50 O12'
#
# COMPACT_ATOMS: atom_id res chain seq x y z
C ACE A 1 -24.02 0.81 -25.80
O ACE A 1 -23.45 1.05 -26.87
CH3 ACE A 1 -24.10 -0.59 -25.26
N MET A 2 -24.05 1.75 -24.88
CA MET A 2 -24.08 3.16 -25.28
C MET A 2 -23.25 3.98 -24.30
N GLU A 3 -21.98 4.14 -24.63
CA GLU A 3 -21.01 4.77 -23.73
C GLU A 3 -21.36 6.23 -23.41
N ALA A 4 -21.90 6.95 -24.39
CA ALA A 4 -22.13 8.38 -24.23
C ALA A 4 -23.56 8.72 -23.75
N ALA A 5 -24.25 7.75 -23.13
CA ALA A 5 -25.68 7.96 -22.77
C ALA A 5 -25.96 9.23 -21.95
N HIS A 6 -25.04 9.63 -21.07
CA HIS A 6 -25.25 10.84 -20.25
C HIS A 6 -25.45 12.09 -21.11
N SER A 7 -24.81 12.12 -22.29
CA SER A 7 -24.91 13.30 -23.15
C SER A 7 -26.12 13.20 -24.10
N LYS A 8 -26.87 12.10 -24.05
CA LYS A 8 -27.99 11.93 -24.95
C LYS A 8 -29.27 12.18 -24.17
N SER A 9 -30.32 12.54 -24.91
CA SER A 9 -31.61 12.76 -24.31
C SER A 9 -32.27 11.41 -24.06
N THR A 10 -33.33 11.41 -23.26
CA THR A 10 -34.06 10.17 -23.01
C THR A 10 -34.61 9.58 -24.31
N GLU A 11 -35.09 10.45 -25.20
CA GLU A 11 -35.63 10.00 -26.48
C GLU A 11 -34.56 9.30 -27.32
N GLU A 12 -33.40 9.92 -27.44
CA GLU A 12 -32.30 9.37 -28.24
C GLU A 12 -31.83 7.98 -27.79
N CYS A 13 -31.76 7.76 -26.48
CA CYS A 13 -31.33 6.46 -25.97
C CYS A 13 -32.38 5.40 -26.29
N LEU A 14 -33.65 5.74 -26.10
CA LEU A 14 -34.74 4.83 -26.45
C LEU A 14 -34.68 4.46 -27.93
N ALA A 15 -34.39 5.46 -28.76
CA ALA A 15 -34.34 5.23 -30.21
C ALA A 15 -33.10 4.44 -30.58
N TYR A 16 -31.99 4.74 -29.92
CA TYR A 16 -30.76 3.99 -30.19
C TYR A 16 -30.98 2.49 -30.08
N PHE A 17 -31.70 2.07 -29.05
CA PHE A 17 -31.94 0.64 -28.84
C PHE A 17 -33.24 0.16 -29.45
N GLY A 18 -34.04 1.09 -29.97
CA GLY A 18 -35.34 0.71 -30.51
C GLY A 18 -36.27 0.09 -29.50
N VAL A 19 -36.33 0.66 -28.30
CA VAL A 19 -37.17 0.13 -27.23
C VAL A 19 -38.20 1.15 -26.72
N SER A 20 -39.43 0.69 -26.50
CA SER A 20 -40.48 1.50 -25.88
C SER A 20 -40.30 1.60 -24.37
N GLU A 21 -40.53 2.79 -23.80
CA GLU A 21 -40.33 3.01 -22.36
C GLU A 21 -41.45 2.31 -21.57
N THR A 22 -42.52 1.97 -22.28
CA THR A 22 -43.72 1.41 -21.68
C THR A 22 -43.73 -0.11 -21.71
N THR A 23 -43.10 -0.66 -22.74
CA THR A 23 -43.14 -2.09 -23.00
C THR A 23 -41.89 -2.80 -22.53
N GLY A 24 -40.74 -2.16 -22.74
CA GLY A 24 -39.47 -2.84 -22.61
C GLY A 24 -39.12 -3.68 -23.84
N LEU A 25 -38.06 -4.47 -23.69
CA LEU A 25 -37.54 -5.26 -24.78
C LEU A 25 -38.42 -6.47 -25.06
N THR A 26 -38.49 -6.84 -26.32
CA THR A 26 -39.16 -8.06 -26.72
C THR A 26 -38.25 -9.24 -26.37
N PRO A 27 -38.81 -10.46 -26.26
CA PRO A 27 -37.94 -11.60 -25.97
C PRO A 27 -36.83 -11.75 -27.01
N ASP A 28 -37.19 -11.50 -28.28
CA ASP A 28 -36.24 -11.49 -29.39
C ASP A 28 -35.09 -10.52 -29.15
N GLN A 29 -35.43 -9.30 -28.76
CA GLN A 29 -34.43 -8.26 -28.51
C GLN A 29 -33.48 -8.67 -27.39
N VAL A 30 -34.04 -9.23 -26.31
CA VAL A 30 -33.24 -9.73 -25.20
C VAL A 30 -32.28 -10.81 -25.68
N LYS A 31 -32.78 -11.73 -26.51
CA LYS A 31 -31.96 -12.76 -27.13
C LYS A 31 -30.78 -12.17 -27.87
N ARG A 32 -31.07 -11.16 -28.71
CA ARG A 32 -30.07 -10.60 -29.60
C ARG A 32 -29.12 -9.66 -28.86
N HIS A 33 -29.62 -9.00 -27.82
CA HIS A 33 -28.80 -8.07 -27.05
C HIS A 33 -27.86 -8.85 -26.15
N LEU A 34 -28.33 -9.98 -25.65
CA LEU A 34 -27.51 -10.90 -24.87
C LEU A 34 -26.33 -11.43 -25.69
N GLU A 35 -26.59 -11.77 -26.94
CA GLU A 35 -25.54 -12.31 -27.78
C GLU A 35 -24.51 -11.27 -28.19
N LYS A 36 -24.95 -10.03 -28.37
CA LYS A 36 -24.07 -8.97 -28.85
C LYS A 36 -23.24 -8.39 -27.71
N TYR A 37 -23.84 -8.27 -26.54
CA TYR A 37 -23.22 -7.58 -25.41
C TYR A 37 -22.75 -8.53 -24.28
N GLY A 38 -23.08 -9.82 -24.39
CA GLY A 38 -22.75 -10.78 -23.35
C GLY A 38 -23.55 -10.54 -22.07
N HIS A 39 -23.30 -11.34 -21.05
CA HIS A 39 -24.03 -11.20 -19.79
C HIS A 39 -23.52 -10.02 -19.00
N ASN A 40 -24.35 -9.54 -18.07
CA ASN A 40 -24.00 -8.38 -17.28
C ASN A 40 -23.23 -8.76 -16.01
N GLU A 41 -21.93 -8.93 -16.16
CA GLU A 41 -21.08 -9.32 -15.05
C GLU A 41 -19.63 -9.17 -15.48
N LEU A 42 -18.75 -8.96 -14.49
CA LEU A 42 -17.30 -8.99 -14.71
C LEU A 42 -16.86 -10.44 -14.87
N PRO A 43 -15.84 -10.69 -15.71
CA PRO A 43 -15.32 -12.05 -15.96
C PRO A 43 -15.03 -12.85 -14.69
N ALA A 44 -15.18 -14.17 -14.80
CA ALA A 44 -14.83 -15.09 -13.73
C ALA A 44 -13.37 -14.93 -13.31
N GLU A 45 -13.06 -15.31 -12.08
CA GLU A 45 -11.70 -15.25 -11.54
C GLU A 45 -10.63 -15.87 -12.43
N GLU A 46 -9.41 -15.39 -12.29
CA GLU A 46 -8.27 -15.87 -13.07
C GLU A 46 -8.00 -17.36 -12.86
N GLY A 47 -7.25 -17.95 -13.79
CA GLY A 47 -7.04 -19.39 -13.79
C GLY A 47 -5.81 -19.89 -13.05
N LYS A 48 -6.04 -20.47 -11.87
CA LYS A 48 -4.99 -21.13 -11.09
C LYS A 48 -5.60 -22.22 -10.20
N SER A 49 -5.17 -23.46 -10.41
CA SER A 49 -5.70 -24.61 -9.67
C SER A 49 -4.71 -25.23 -8.71
N LEU A 50 -5.19 -26.18 -7.91
CA LEU A 50 -4.34 -26.85 -6.92
C LEU A 50 -3.20 -27.60 -7.58
N TRP A 51 -3.52 -28.41 -8.59
CA TRP A 51 -2.51 -29.08 -9.39
C TRP A 51 -1.55 -28.07 -10.01
N GLU A 52 -2.09 -26.95 -10.46
CA GLU A 52 -1.28 -25.91 -11.08
C GLU A 52 -0.43 -25.18 -10.05
N LEU A 53 -0.98 -25.01 -8.85
CA LEU A 53 -0.33 -24.31 -7.77
C LEU A 53 1.04 -24.92 -7.46
N VAL A 54 1.09 -26.24 -7.41
CA VAL A 54 2.29 -26.95 -7.00
C VAL A 54 3.35 -26.99 -8.10
N ILE A 55 2.91 -27.03 -9.35
CA ILE A 55 3.84 -26.92 -10.47
C ILE A 55 4.59 -25.59 -10.43
N GLU A 56 3.88 -24.53 -10.04
CA GLU A 56 4.49 -23.21 -9.89
C GLU A 56 5.45 -23.20 -8.70
N GLN A 57 5.21 -24.08 -7.72
CA GLN A 57 6.08 -24.21 -6.56
C GLN A 57 7.41 -24.86 -6.94
N PHE A 58 7.46 -25.42 -8.14
CA PHE A 58 8.62 -26.17 -8.58
C PHE A 58 9.19 -25.62 -9.88
N GLU A 59 8.82 -24.39 -10.22
CA GLU A 59 9.43 -23.73 -11.36
C GLU A 59 10.71 -23.07 -10.89
N ASP A 60 10.78 -22.79 -9.59
CA ASP A 60 11.95 -22.13 -9.01
C ASP A 60 13.21 -22.92 -9.29
N LEU A 61 14.27 -22.21 -9.65
CA LEU A 61 15.48 -22.84 -10.15
C LEU A 61 16.24 -23.60 -9.05
N LEU A 62 16.32 -23.01 -7.87
CA LEU A 62 16.97 -23.66 -6.75
C LEU A 62 16.14 -24.86 -6.28
N VAL A 63 14.83 -24.65 -6.20
CA VAL A 63 13.89 -25.72 -5.85
C VAL A 63 14.04 -26.87 -6.84
N ARG A 64 14.17 -26.54 -8.13
CA ARG A 64 14.37 -27.54 -9.17
C ARG A 64 15.64 -28.36 -8.95
N ILE A 65 16.73 -27.67 -8.64
CA ILE A 65 18.03 -28.33 -8.43
C ILE A 65 17.97 -29.24 -7.20
N LEU A 66 17.31 -28.77 -6.16
CA LEU A 66 17.13 -29.56 -4.94
C LEU A 66 16.36 -30.84 -5.20
N LEU A 67 15.27 -30.73 -5.96
CA LEU A 67 14.46 -31.89 -6.28
C LEU A 67 15.32 -32.97 -6.93
N LEU A 68 16.04 -32.55 -7.96
CA LEU A 68 16.96 -33.43 -8.68
C LEU A 68 17.96 -34.08 -7.73
N ALA A 69 18.48 -33.29 -6.80
CA ALA A 69 19.45 -33.80 -5.83
C ALA A 69 18.84 -34.94 -5.03
N ALA A 70 17.58 -34.78 -4.65
CA ALA A 70 16.89 -35.79 -3.87
C ALA A 70 16.87 -37.14 -4.58
N CYS A 71 16.65 -37.10 -5.89
CA CYS A 71 16.58 -38.32 -6.69
C CYS A 71 17.89 -39.10 -6.65
N ILE A 72 18.99 -38.41 -6.94
CA ILE A 72 20.29 -39.03 -6.87
C ILE A 72 20.53 -39.57 -5.45
N SER A 73 20.10 -38.83 -4.45
CA SER A 73 20.21 -39.27 -3.06
C SER A 73 19.48 -40.61 -2.88
N PHE A 74 18.31 -40.70 -3.52
CA PHE A 74 17.42 -41.85 -3.40
C PHE A 74 17.97 -43.10 -4.04
N VAL A 75 18.51 -42.97 -5.25
CA VAL A 75 19.18 -44.09 -5.91
C VAL A 75 20.30 -44.64 -5.03
N LEU A 76 21.16 -43.74 -4.56
CA LEU A 76 22.26 -44.08 -3.67
C LEU A 76 21.78 -44.90 -2.48
N ALA A 77 20.56 -44.59 -2.01
CA ALA A 77 19.99 -45.31 -0.88
C ALA A 77 19.73 -46.78 -1.23
N TRP A 78 18.90 -47.02 -2.24
CA TRP A 78 18.53 -48.39 -2.58
C TRP A 78 19.73 -49.18 -3.12
N PHE A 79 20.67 -48.52 -3.78
CA PHE A 79 21.87 -49.22 -4.25
C PHE A 79 23.10 -48.88 -3.41
N GLU A 80 22.91 -48.79 -2.10
CA GLU A 80 23.98 -48.98 -1.14
C GLU A 80 23.35 -49.79 -0.02
N GLU A 81 24.14 -50.67 0.59
CA GLU A 81 23.60 -51.57 1.60
C GLU A 81 23.02 -50.81 2.78
N GLY A 82 21.69 -50.86 2.92
CA GLY A 82 21.01 -50.35 4.09
C GLY A 82 21.00 -51.44 5.15
N GLU A 83 21.94 -52.37 5.00
CA GLU A 83 22.16 -53.49 5.91
C GLU A 83 23.46 -53.24 6.67
N GLU A 84 24.34 -52.46 6.05
CA GLU A 84 25.54 -51.94 6.70
C GLU A 84 25.18 -50.66 7.45
N THR A 85 24.46 -49.79 6.76
CA THR A 85 23.90 -48.57 7.35
C THR A 85 22.49 -48.33 6.81
N ILE A 86 21.48 -48.72 7.57
CA ILE A 86 20.08 -48.44 7.23
C ILE A 86 19.79 -46.94 7.43
N THR A 87 20.79 -46.24 7.96
CA THR A 87 20.80 -44.78 8.02
C THR A 87 21.30 -44.20 6.69
N ALA A 88 20.85 -44.78 5.59
CA ALA A 88 21.24 -44.31 4.26
C ALA A 88 20.01 -43.79 3.54
N PHE A 89 18.88 -44.47 3.78
CA PHE A 89 17.61 -44.03 3.22
C PHE A 89 17.07 -42.83 3.97
N VAL A 90 17.93 -42.21 4.78
CA VAL A 90 17.56 -41.03 5.55
C VAL A 90 17.74 -39.76 4.72
N GLU A 91 18.87 -39.67 4.02
CA GLU A 91 19.22 -38.51 3.22
C GLU A 91 18.19 -38.17 2.14
N PRO A 92 17.81 -39.15 1.29
CA PRO A 92 16.85 -38.75 0.23
C PRO A 92 15.51 -38.27 0.78
N PHE A 93 15.22 -38.64 2.01
CA PHE A 93 13.93 -38.38 2.60
C PHE A 93 13.82 -36.96 3.15
N VAL A 94 14.88 -36.51 3.81
CA VAL A 94 14.91 -35.17 4.39
C VAL A 94 14.72 -34.13 3.30
N ILE A 95 15.48 -34.28 2.22
CA ILE A 95 15.43 -33.34 1.10
C ILE A 95 14.00 -33.14 0.60
N LEU A 96 13.31 -34.25 0.37
CA LEU A 96 11.95 -34.22 -0.15
C LEU A 96 11.02 -33.43 0.76
N LEU A 97 11.19 -33.62 2.06
CA LEU A 97 10.35 -33.01 3.06
C LEU A 97 10.38 -31.49 3.00
N ILE A 98 11.58 -30.92 2.89
CA ILE A 98 11.75 -29.49 2.77
C ILE A 98 10.95 -28.98 1.59
N LEU A 99 10.98 -29.73 0.50
CA LEU A 99 10.30 -29.32 -0.72
C LEU A 99 8.78 -29.33 -0.52
N ILE A 100 8.30 -30.23 0.33
CA ILE A 100 6.88 -30.31 0.64
C ILE A 100 6.43 -29.12 1.48
N ALA A 101 7.19 -28.84 2.53
CA ALA A 101 6.95 -27.65 3.34
C ALA A 101 6.84 -26.40 2.47
N ASN A 102 7.83 -26.19 1.62
CA ASN A 102 7.91 -25.00 0.79
C ASN A 102 6.74 -24.90 -0.21
N ALA A 103 6.20 -26.05 -0.61
CA ALA A 103 5.05 -26.06 -1.51
C ALA A 103 3.74 -25.88 -0.75
N ILE A 104 3.68 -26.43 0.45
CA ILE A 104 2.55 -26.21 1.35
C ILE A 104 2.46 -24.74 1.77
N VAL A 105 3.62 -24.12 1.99
CA VAL A 105 3.70 -22.68 2.22
C VAL A 105 2.99 -21.93 1.11
N GLY A 106 3.28 -22.30 -0.13
CA GLY A 106 2.70 -21.67 -1.29
C GLY A 106 1.19 -21.76 -1.35
N VAL A 107 0.65 -22.97 -1.12
CA VAL A 107 -0.79 -23.15 -1.27
C VAL A 107 -1.57 -22.53 -0.11
N TRP A 108 -1.01 -22.50 1.10
CA TRP A 108 -1.72 -21.88 2.23
C TRP A 108 -1.73 -20.37 2.05
N GLN A 109 -0.65 -19.84 1.51
CA GLN A 109 -0.55 -18.41 1.29
C GLN A 109 -1.52 -17.97 0.19
N GLU A 110 -1.51 -18.72 -0.91
CA GLU A 110 -2.39 -18.41 -2.03
C GLU A 110 -3.88 -18.56 -1.72
N ARG A 111 -4.26 -19.64 -1.05
CA ARG A 111 -5.67 -19.89 -0.75
C ARG A 111 -6.21 -18.89 0.26
N ASN A 112 -5.29 -18.24 0.98
CA ASN A 112 -5.67 -17.20 1.94
C ASN A 112 -5.47 -15.79 1.39
N ALA A 113 -4.97 -15.71 0.17
CA ALA A 113 -4.81 -14.42 -0.49
C ALA A 113 -6.16 -13.92 -1.00
N GLU A 114 -6.27 -12.62 -1.22
CA GLU A 114 -7.53 -12.03 -1.65
C GLU A 114 -7.32 -11.15 -2.88
N ASN A 115 -8.01 -11.48 -3.97
CA ASN A 115 -7.88 -10.70 -5.19
C ASN A 115 -8.78 -9.46 -5.16
N ALA A 116 -8.23 -8.33 -5.57
CA ALA A 116 -8.96 -7.07 -5.56
C ALA A 116 -10.10 -7.09 -6.59
N ILE A 117 -9.81 -7.62 -7.77
CA ILE A 117 -10.84 -7.78 -8.81
C ILE A 117 -12.02 -8.63 -8.32
N GLU A 118 -11.78 -9.52 -7.37
CA GLU A 118 -12.87 -10.32 -6.83
C GLU A 118 -13.68 -9.53 -5.81
N ALA A 119 -13.02 -8.58 -5.16
CA ALA A 119 -13.68 -7.75 -4.18
C ALA A 119 -14.68 -6.83 -4.89
N LEU A 120 -14.39 -6.49 -6.15
CA LEU A 120 -15.33 -5.74 -6.98
C LEU A 120 -16.69 -6.41 -7.06
N LYS A 121 -16.68 -7.73 -7.16
CA LYS A 121 -17.93 -8.47 -7.36
C LYS A 121 -18.90 -8.34 -6.18
N GLU A 122 -18.44 -7.79 -5.06
CA GLU A 122 -19.33 -7.49 -3.95
C GLU A 122 -20.32 -6.41 -4.35
N TYR A 123 -19.96 -5.63 -5.37
CA TYR A 123 -20.83 -4.58 -5.85
C TYR A 123 -21.78 -5.07 -6.94
N GLU A 124 -21.83 -6.38 -7.15
CA GLU A 124 -22.84 -6.91 -8.09
C GLU A 124 -24.00 -7.46 -7.28
N PRO A 125 -25.19 -6.86 -7.45
CA PRO A 125 -26.38 -7.40 -6.79
C PRO A 125 -26.76 -8.74 -7.44
N GLU A 126 -27.43 -9.60 -6.70
CA GLU A 126 -27.89 -10.84 -7.27
C GLU A 126 -28.98 -10.54 -8.28
N MET A 127 -29.91 -9.67 -7.90
CA MET A 127 -31.13 -9.44 -8.67
C MET A 127 -31.19 -8.02 -9.21
N GLY A 128 -32.14 -7.81 -10.13
CA GLY A 128 -32.49 -6.50 -10.63
C GLY A 128 -33.92 -6.55 -11.12
N LYS A 129 -34.50 -5.38 -11.41
CA LYS A 129 -35.88 -5.33 -11.86
C LYS A 129 -36.03 -4.70 -13.25
N VAL A 130 -36.75 -5.38 -14.15
CA VAL A 130 -36.99 -4.90 -15.50
C VAL A 130 -38.44 -4.99 -15.92
N TYR A 131 -38.82 -4.12 -16.85
CA TYR A 131 -40.03 -4.31 -17.62
C TYR A 131 -39.62 -4.85 -18.98
N ARG A 132 -40.27 -5.93 -19.39
CA ARG A 132 -40.07 -6.52 -20.70
C ARG A 132 -41.41 -6.91 -21.25
N ALA A 133 -41.48 -7.02 -22.57
CA ALA A 133 -42.76 -7.11 -23.30
C ALA A 133 -43.63 -8.32 -22.90
N ASP A 134 -43.03 -9.41 -22.46
CA ASP A 134 -43.82 -10.62 -22.22
C ASP A 134 -44.72 -10.54 -20.98
N ARG A 135 -44.44 -9.60 -20.09
CA ARG A 135 -45.28 -9.38 -18.90
C ARG A 135 -45.53 -7.90 -18.66
N LYS A 136 -46.67 -7.56 -18.06
CA LYS A 136 -47.01 -6.15 -17.87
C LYS A 136 -46.39 -5.60 -16.60
N SER A 137 -46.34 -6.42 -15.56
CA SER A 137 -45.81 -6.01 -14.28
C SER A 137 -44.32 -6.24 -14.30
N VAL A 138 -43.61 -5.66 -13.32
CA VAL A 138 -42.17 -5.65 -13.31
C VAL A 138 -41.65 -7.06 -13.03
N GLN A 139 -40.42 -7.33 -13.49
CA GLN A 139 -39.83 -8.66 -13.37
C GLN A 139 -38.54 -8.65 -12.56
N ARG A 140 -38.49 -9.43 -11.48
CA ARG A 140 -37.24 -9.56 -10.76
C ARG A 140 -36.43 -10.65 -11.45
N ILE A 141 -35.27 -10.31 -11.97
CA ILE A 141 -34.44 -11.30 -12.66
C ILE A 141 -33.02 -11.17 -12.17
N LYS A 142 -32.20 -12.16 -12.51
CA LYS A 142 -30.81 -12.15 -12.11
C LYS A 142 -30.13 -11.01 -12.84
N ALA A 143 -29.30 -10.27 -12.11
CA ALA A 143 -28.68 -9.07 -12.63
C ALA A 143 -27.83 -9.35 -13.87
N ARG A 144 -27.22 -10.54 -13.89
CA ARG A 144 -26.34 -10.89 -14.99
C ARG A 144 -27.15 -11.07 -16.28
N ASP A 145 -28.46 -11.26 -16.12
CA ASP A 145 -29.34 -11.45 -17.27
C ASP A 145 -29.82 -10.12 -17.86
N ILE A 146 -29.48 -9.02 -17.19
CA ILE A 146 -29.81 -7.69 -17.69
C ILE A 146 -28.87 -7.35 -18.85
N VAL A 147 -29.40 -6.57 -19.77
CA VAL A 147 -28.79 -6.38 -21.06
C VAL A 147 -28.95 -4.90 -21.46
N PRO A 148 -28.04 -4.37 -22.29
CA PRO A 148 -28.20 -2.93 -22.62
C PRO A 148 -29.45 -2.72 -23.46
N GLY A 149 -30.18 -1.63 -23.20
CA GLY A 149 -31.45 -1.40 -23.86
C GLY A 149 -32.61 -1.77 -22.92
N ASP A 150 -32.32 -2.43 -21.79
CA ASP A 150 -33.37 -2.85 -20.87
C ASP A 150 -34.00 -1.65 -20.19
N ILE A 151 -35.32 -1.71 -20.05
CA ILE A 151 -36.02 -0.78 -19.21
C ILE A 151 -35.96 -1.29 -17.79
N VAL A 152 -35.24 -0.56 -16.93
CA VAL A 152 -34.95 -1.03 -15.58
C VAL A 152 -35.61 -0.13 -14.52
N GLU A 153 -35.93 -0.72 -13.38
CA GLU A 153 -36.49 0.02 -12.25
C GLU A 153 -35.68 -0.19 -10.96
N VAL A 154 -35.40 0.89 -10.25
CA VAL A 154 -34.64 0.85 -9.00
C VAL A 154 -35.37 1.64 -7.91
N ALA A 155 -35.06 1.34 -6.65
CA ALA A 155 -35.71 2.02 -5.54
C ALA A 155 -34.84 2.02 -4.29
N VAL A 156 -35.32 2.69 -3.24
CA VAL A 156 -34.59 2.74 -1.97
C VAL A 156 -34.04 1.36 -1.56
N GLY A 157 -32.74 1.33 -1.23
CA GLY A 157 -32.09 0.13 -0.75
C GLY A 157 -31.47 -0.70 -1.84
N ASP A 158 -31.82 -0.43 -3.09
CA ASP A 158 -31.33 -1.24 -4.19
C ASP A 158 -29.90 -0.92 -4.50
N LYS A 159 -29.11 -1.96 -4.70
CA LYS A 159 -27.82 -1.78 -5.32
C LYS A 159 -28.06 -1.79 -6.84
N VAL A 160 -27.52 -0.76 -7.51
CA VAL A 160 -27.72 -0.52 -8.95
C VAL A 160 -27.00 -1.58 -9.78
N PRO A 161 -27.73 -2.27 -10.66
CA PRO A 161 -27.27 -3.49 -11.34
C PRO A 161 -26.48 -3.26 -12.64
N ALA A 162 -26.59 -2.09 -13.25
CA ALA A 162 -25.84 -1.80 -14.48
C ALA A 162 -25.72 -0.28 -14.64
N ASP A 163 -24.95 0.19 -15.60
CA ASP A 163 -24.88 1.63 -15.84
C ASP A 163 -26.13 2.06 -16.60
N ILE A 164 -26.92 2.92 -15.94
CA ILE A 164 -28.27 3.19 -16.32
C ILE A 164 -28.50 4.68 -16.56
N ARG A 165 -29.07 5.00 -17.72
CA ARG A 165 -29.54 6.37 -18.04
C ARG A 165 -30.96 6.55 -17.52
N ILE A 166 -31.12 7.44 -16.57
CA ILE A 166 -32.41 7.70 -15.96
C ILE A 166 -33.38 8.30 -16.98
N LEU A 167 -34.61 7.79 -16.95
CA LEU A 167 -35.64 8.17 -17.90
C LEU A 167 -36.74 9.01 -17.25
N SER A 168 -37.10 8.63 -16.03
CA SER A 168 -38.26 9.15 -15.36
C SER A 168 -38.08 8.92 -13.86
N ILE A 169 -38.17 9.99 -13.07
CA ILE A 169 -38.06 9.87 -11.62
C ILE A 169 -39.47 9.89 -11.03
N LYS A 170 -39.91 8.73 -10.55
CA LYS A 170 -41.30 8.51 -10.15
C LYS A 170 -41.61 9.15 -8.83
N SER A 171 -40.60 9.23 -7.98
CA SER A 171 -40.71 9.89 -6.70
C SER A 171 -40.43 11.38 -6.89
N THR A 172 -40.68 12.17 -5.86
CA THR A 172 -40.42 13.60 -5.95
C THR A 172 -38.92 13.90 -6.07
N THR A 173 -38.08 12.94 -5.69
CA THR A 173 -36.63 13.17 -5.76
C THR A 173 -35.90 11.85 -5.80
N LEU A 174 -34.74 11.83 -6.44
CA LEU A 174 -33.90 10.63 -6.46
C LEU A 174 -32.52 10.96 -5.94
N ARG A 175 -32.15 10.28 -4.84
CA ARG A 175 -30.85 10.45 -4.22
C ARG A 175 -30.04 9.15 -4.23
N VAL A 176 -28.77 9.26 -4.57
CA VAL A 176 -27.92 8.11 -4.79
C VAL A 176 -26.64 8.19 -3.94
N ASP A 177 -26.28 7.06 -3.32
CA ASP A 177 -25.00 6.90 -2.65
C ASP A 177 -24.03 6.32 -3.65
N GLN A 178 -23.15 7.16 -4.14
CA GLN A 178 -22.20 6.71 -5.14
C GLN A 178 -20.78 7.03 -4.67
N SER A 179 -20.55 6.99 -3.36
CA SER A 179 -19.26 7.38 -2.80
C SER A 179 -18.13 6.50 -3.33
N ILE A 180 -18.43 5.23 -3.60
CA ILE A 180 -17.39 4.28 -3.99
C ILE A 180 -16.76 4.64 -5.34
N LEU A 181 -17.49 5.36 -6.19
CA LEU A 181 -17.01 5.74 -7.51
C LEU A 181 -16.49 7.18 -7.63
N THR A 182 -17.08 8.08 -6.84
CA THR A 182 -16.80 9.51 -6.96
C THR A 182 -16.21 10.12 -5.70
N GLY A 183 -16.19 9.35 -4.60
CA GLY A 183 -15.81 9.91 -3.32
C GLY A 183 -16.64 11.09 -2.85
N GLU A 184 -17.87 11.22 -3.36
CA GLU A 184 -18.84 12.16 -2.81
C GLU A 184 -19.41 11.57 -1.53
N SER A 185 -19.19 12.25 -0.41
CA SER A 185 -19.55 11.73 0.91
C SER A 185 -21.05 11.54 1.13
N VAL A 186 -21.86 12.51 0.67
CA VAL A 186 -23.29 12.50 0.91
C VAL A 186 -24.02 12.03 -0.34
N SER A 187 -25.29 11.67 -0.19
CA SER A 187 -26.06 11.21 -1.33
C SER A 187 -26.27 12.39 -2.28
N VAL A 188 -26.38 12.12 -3.57
CA VAL A 188 -26.49 13.22 -4.51
C VAL A 188 -27.76 13.09 -5.33
N ILE A 189 -28.38 14.24 -5.64
CA ILE A 189 -29.56 14.30 -6.47
C ILE A 189 -29.27 13.87 -7.90
N LYS A 190 -30.22 13.15 -8.49
CA LYS A 190 -30.16 12.85 -9.91
C LYS A 190 -31.26 13.60 -10.70
N HIS A 191 -31.03 13.76 -11.99
CA HIS A 191 -31.98 14.43 -12.84
C HIS A 191 -32.07 13.65 -14.13
N THR A 192 -32.77 14.19 -15.10
CA THR A 192 -33.20 13.36 -16.21
C THR A 192 -32.77 13.97 -17.54
N GLU A 193 -32.38 15.24 -17.48
CA GLU A 193 -32.02 15.98 -18.69
C GLU A 193 -30.60 15.63 -19.11
N PRO A 194 -30.28 15.82 -20.40
CA PRO A 194 -28.93 15.46 -20.86
C PRO A 194 -27.84 16.32 -20.22
N VAL A 195 -26.63 15.78 -20.20
CA VAL A 195 -25.45 16.50 -19.76
C VAL A 195 -24.58 16.71 -21.00
N PRO A 196 -24.39 17.96 -21.44
CA PRO A 196 -23.92 18.35 -22.77
C PRO A 196 -22.54 17.83 -23.18
N ASP A 197 -21.63 17.73 -22.22
CA ASP A 197 -20.24 17.38 -22.49
C ASP A 197 -20.06 15.87 -22.56
N PRO A 198 -19.69 15.33 -23.73
CA PRO A 198 -19.49 13.89 -23.91
C PRO A 198 -18.28 13.38 -23.10
N ARG A 199 -17.42 14.30 -22.68
CA ARG A 199 -16.26 13.92 -21.91
C ARG A 199 -16.44 14.30 -20.43
N ALA A 200 -17.69 14.31 -19.98
CA ALA A 200 -17.99 14.64 -18.60
C ALA A 200 -17.49 13.54 -17.67
N VAL A 201 -16.89 13.96 -16.57
CA VAL A 201 -16.48 13.02 -15.52
C VAL A 201 -17.71 12.53 -14.76
N ASN A 202 -17.61 11.39 -14.11
CA ASN A 202 -18.75 10.70 -13.54
C ASN A 202 -19.54 11.53 -12.51
N GLN A 203 -18.82 12.33 -11.73
CA GLN A 203 -19.43 13.18 -10.73
C GLN A 203 -20.44 14.17 -11.38
N ASP A 204 -20.31 14.41 -12.68
CA ASP A 204 -21.15 15.40 -13.37
C ASP A 204 -22.22 14.74 -14.21
N LYS A 205 -22.17 13.43 -14.34
CA LYS A 205 -23.26 12.71 -14.99
C LYS A 205 -24.46 12.61 -14.04
N LYS A 206 -25.15 13.75 -13.89
CA LYS A 206 -26.30 13.89 -12.99
C LYS A 206 -27.49 13.03 -13.39
N ASN A 207 -27.46 12.49 -14.59
CA ASN A 207 -28.57 11.71 -15.12
C ASN A 207 -28.25 10.21 -15.29
N MET A 208 -27.12 9.79 -14.70
CA MET A 208 -26.67 8.39 -14.75
C MET A 208 -26.69 7.71 -13.40
N LEU A 209 -27.03 6.43 -13.41
CA LEU A 209 -26.86 5.60 -12.22
C LEU A 209 -25.78 4.59 -12.55
N PHE A 210 -24.74 4.52 -11.72
CA PHE A 210 -23.63 3.60 -11.97
C PHE A 210 -23.82 2.26 -11.29
N SER A 211 -23.53 1.19 -12.03
CA SER A 211 -23.51 -0.17 -11.48
C SER A 211 -22.69 -0.21 -10.21
N GLY A 212 -23.28 -0.74 -9.15
CA GLY A 212 -22.56 -0.94 -7.90
C GLY A 212 -22.93 0.06 -6.84
N THR A 213 -23.49 1.20 -7.25
CA THR A 213 -23.89 2.21 -6.26
C THR A 213 -25.28 1.89 -5.69
N ASN A 214 -25.71 2.65 -4.69
CA ASN A 214 -26.99 2.42 -4.00
C ASN A 214 -27.98 3.59 -4.09
N ILE A 215 -29.26 3.26 -4.23
CA ILE A 215 -30.30 4.26 -4.15
C ILE A 215 -30.54 4.68 -2.71
N ALA A 216 -30.32 5.95 -2.39
CA ALA A 216 -30.44 6.42 -1.02
C ALA A 216 -31.85 6.86 -0.70
N ALA A 217 -32.59 7.31 -1.73
CA ALA A 217 -33.98 7.71 -1.59
C ALA A 217 -34.64 7.80 -2.95
N GLY A 218 -35.89 7.38 -3.01
CA GLY A 218 -36.69 7.60 -4.19
C GLY A 218 -36.83 6.38 -5.04
N LYS A 219 -37.29 6.62 -6.27
CA LYS A 219 -37.66 5.56 -7.19
C LYS A 219 -37.57 6.12 -8.60
N ALA A 220 -37.09 5.31 -9.54
CA ALA A 220 -36.83 5.79 -10.89
C ALA A 220 -36.82 4.67 -11.91
N LEU A 221 -37.13 5.08 -13.13
CA LEU A 221 -37.15 4.19 -14.27
C LEU A 221 -36.02 4.61 -15.16
N GLY A 222 -35.27 3.62 -15.66
CA GLY A 222 -34.10 3.89 -16.47
C GLY A 222 -33.98 2.97 -17.68
N ILE A 223 -33.01 3.29 -18.52
CA ILE A 223 -32.67 2.42 -19.64
C ILE A 223 -31.20 2.06 -19.47
N VAL A 224 -30.88 0.78 -19.64
CA VAL A 224 -29.52 0.32 -19.39
C VAL A 224 -28.62 0.77 -20.53
N ALA A 225 -27.56 1.51 -20.18
CA ALA A 225 -26.64 2.07 -21.18
C ALA A 225 -25.50 1.09 -21.48
N THR A 226 -24.85 0.60 -20.42
CA THR A 226 -23.78 -0.40 -20.58
C THR A 226 -23.88 -1.47 -19.51
N THR A 227 -23.32 -2.63 -19.77
CA THR A 227 -23.27 -3.67 -18.77
C THR A 227 -21.88 -4.29 -18.69
N GLY A 228 -21.73 -5.24 -17.77
CA GLY A 228 -20.50 -6.03 -17.68
C GLY A 228 -19.24 -5.20 -17.60
N VAL A 229 -18.34 -5.45 -18.54
CA VAL A 229 -17.01 -4.88 -18.49
C VAL A 229 -17.03 -3.43 -19.02
N SER A 230 -18.17 -3.00 -19.54
CA SER A 230 -18.29 -1.67 -20.15
C SER A 230 -18.77 -0.58 -19.19
N THR A 231 -19.13 -0.97 -17.98
CA THR A 231 -19.61 -0.02 -17.01
C THR A 231 -18.45 0.72 -16.40
N GLU A 232 -18.75 1.64 -15.50
CA GLU A 232 -17.67 2.41 -14.91
C GLU A 232 -16.83 1.51 -14.02
N ILE A 233 -17.48 0.64 -13.26
CA ILE A 233 -16.77 -0.26 -12.39
C ILE A 233 -16.10 -1.36 -13.25
N GLY A 234 -16.71 -1.71 -14.38
CA GLY A 234 -16.11 -2.59 -15.37
C GLY A 234 -14.80 -2.08 -15.96
N LYS A 235 -14.76 -0.82 -16.39
CA LYS A 235 -13.53 -0.20 -16.90
C LYS A 235 -12.43 -0.21 -15.83
N ILE A 236 -12.83 -0.12 -14.58
CA ILE A 236 -11.87 -0.13 -13.50
C ILE A 236 -11.25 -1.52 -13.34
N ARG A 237 -12.10 -2.54 -13.36
CA ARG A 237 -11.67 -3.93 -13.39
C ARG A 237 -10.64 -4.22 -14.47
N ASP A 238 -10.89 -3.72 -15.66
CA ASP A 238 -10.01 -3.97 -16.78
C ASP A 238 -8.69 -3.24 -16.66
N GLN A 239 -8.69 -2.08 -16.02
CA GLN A 239 -7.44 -1.37 -15.81
C GLN A 239 -6.61 -2.18 -14.85
N MET A 240 -7.24 -2.67 -13.79
CA MET A 240 -6.57 -3.43 -12.76
C MET A 240 -5.97 -4.71 -13.36
N ALA A 241 -6.81 -5.48 -14.02
CA ALA A 241 -6.41 -6.72 -14.66
C ALA A 241 -5.23 -6.54 -15.62
N ALA A 242 -5.15 -5.37 -16.24
CA ALA A 242 -4.07 -5.04 -17.18
C ALA A 242 -2.80 -4.54 -16.49
N THR A 243 -2.79 -4.59 -15.16
CA THR A 243 -1.70 -4.01 -14.39
C THR A 243 -0.80 -5.14 -13.91
N GLU A 244 0.39 -5.21 -14.48
CA GLU A 244 1.38 -6.19 -14.03
C GLU A 244 2.18 -5.61 -12.88
N GLN A 245 2.08 -6.20 -11.70
CA GLN A 245 2.90 -5.73 -10.57
C GLN A 245 4.29 -6.37 -10.64
N ASP A 246 5.31 -5.52 -10.70
CA ASP A 246 6.70 -5.99 -10.82
C ASP A 246 7.21 -6.72 -9.58
N LYS A 247 8.24 -7.53 -9.77
CA LYS A 247 8.85 -8.21 -8.65
C LYS A 247 9.56 -7.20 -7.76
N THR A 248 9.55 -7.49 -6.46
CA THR A 248 10.23 -6.67 -5.47
C THR A 248 11.74 -6.74 -5.74
N PRO A 249 12.53 -5.76 -5.27
CA PRO A 249 13.95 -5.82 -5.63
C PRO A 249 14.62 -7.08 -5.08
N LEU A 250 14.35 -7.41 -3.82
CA LEU A 250 14.93 -8.61 -3.21
C LEU A 250 14.54 -9.87 -3.97
N GLN A 251 13.30 -9.93 -4.43
CA GLN A 251 12.84 -11.08 -5.21
C GLN A 251 13.66 -11.20 -6.47
N GLN A 252 13.92 -10.06 -7.09
CA GLN A 252 14.64 -10.04 -8.35
C GLN A 252 16.08 -10.51 -8.13
N LYS A 253 16.68 -10.00 -7.06
CA LYS A 253 18.06 -10.27 -6.69
C LYS A 253 18.26 -11.76 -6.37
N LEU A 254 17.25 -12.38 -5.75
CA LEU A 254 17.26 -13.82 -5.47
C LEU A 254 17.10 -14.66 -6.72
N ASP A 255 16.26 -14.21 -7.66
CA ASP A 255 16.17 -14.90 -8.95
C ASP A 255 17.52 -14.77 -9.66
N GLU A 256 18.13 -13.60 -9.49
CA GLU A 256 19.44 -13.36 -10.06
C GLU A 256 20.44 -14.35 -9.45
N PHE A 257 20.42 -14.44 -8.12
CA PHE A 257 21.25 -15.36 -7.37
C PHE A 257 21.07 -16.78 -7.85
N GLY A 258 19.82 -17.26 -7.82
CA GLY A 258 19.51 -18.61 -8.27
C GLY A 258 19.96 -18.90 -9.69
N GLU A 259 19.73 -17.94 -10.57
CA GLU A 259 20.22 -18.03 -11.95
C GLU A 259 21.72 -18.25 -11.96
N GLN A 260 22.43 -17.37 -11.26
CA GLN A 260 23.88 -17.44 -11.21
C GLN A 260 24.38 -18.66 -10.42
N LEU A 261 23.57 -19.13 -9.47
CA LEU A 261 23.99 -20.21 -8.61
C LEU A 261 23.96 -21.54 -9.37
N SER A 262 23.04 -21.68 -10.31
CA SER A 262 23.06 -22.85 -11.19
C SER A 262 24.31 -22.81 -12.05
N LYS A 263 24.57 -21.66 -12.66
CA LYS A 263 25.74 -21.51 -13.52
C LYS A 263 27.02 -21.89 -12.79
N VAL A 264 27.19 -21.42 -11.56
CA VAL A 264 28.40 -21.69 -10.79
C VAL A 264 28.52 -23.18 -10.44
N ILE A 265 27.46 -23.73 -9.84
CA ILE A 265 27.37 -25.14 -9.53
C ILE A 265 27.70 -26.00 -10.76
N SER A 266 27.17 -25.58 -11.89
CA SER A 266 27.37 -26.26 -13.16
C SER A 266 28.85 -26.27 -13.52
N LEU A 267 29.49 -25.12 -13.36
CA LEU A 267 30.93 -24.97 -13.56
C LEU A 267 31.74 -25.87 -12.62
N ILE A 268 31.35 -25.91 -11.35
CA ILE A 268 32.09 -26.67 -10.34
C ILE A 268 32.13 -28.15 -10.67
N CYS A 269 31.00 -28.68 -11.13
CA CYS A 269 30.90 -30.08 -11.49
C CYS A 269 31.97 -30.48 -12.52
N VAL A 270 32.10 -29.67 -13.57
CA VAL A 270 33.09 -29.91 -14.61
C VAL A 270 34.49 -29.82 -14.05
N ALA A 271 34.69 -28.83 -13.18
CA ALA A 271 35.97 -28.69 -12.50
C ALA A 271 36.37 -29.99 -11.81
N VAL A 272 35.43 -30.57 -11.05
CA VAL A 272 35.67 -31.77 -10.25
C VAL A 272 36.25 -32.88 -11.10
N TRP A 273 35.70 -32.98 -12.30
CA TRP A 273 35.95 -34.13 -13.12
C TRP A 273 37.30 -34.04 -13.84
N LEU A 274 37.88 -32.84 -13.87
CA LEU A 274 39.08 -32.59 -14.67
C LEU A 274 40.40 -32.66 -13.92
N ILE A 275 40.39 -32.56 -12.60
CA ILE A 275 41.58 -32.94 -11.84
C ILE A 275 41.50 -34.44 -11.61
N ASN A 276 40.27 -34.94 -11.72
CA ASN A 276 40.00 -36.36 -11.71
C ASN A 276 39.86 -36.90 -13.13
N ILE A 277 40.47 -36.18 -14.06
CA ILE A 277 40.57 -36.63 -15.45
C ILE A 277 41.62 -37.73 -15.59
N GLY A 278 42.43 -37.90 -14.56
CA GLY A 278 43.41 -38.97 -14.52
C GLY A 278 42.73 -40.33 -14.40
N HIS A 279 41.46 -40.30 -14.04
CA HIS A 279 40.63 -41.51 -13.97
C HIS A 279 40.50 -42.17 -15.35
N PHE A 280 40.93 -41.46 -16.39
CA PHE A 280 40.89 -41.98 -17.76
C PHE A 280 42.16 -42.73 -18.12
N ASN A 281 43.28 -42.31 -17.54
CA ASN A 281 44.52 -43.00 -17.77
C ASN A 281 44.62 -44.27 -16.92
N ASP A 282 43.54 -44.56 -16.17
CA ASP A 282 43.45 -45.78 -15.38
C ASP A 282 43.08 -46.96 -16.25
N PRO A 283 43.54 -48.18 -15.86
CA PRO A 283 43.23 -49.43 -16.55
C PRO A 283 41.73 -49.76 -16.55
N VAL A 284 41.24 -50.30 -17.66
CA VAL A 284 39.83 -50.70 -17.79
C VAL A 284 39.40 -51.65 -16.65
N HIS A 285 40.26 -52.61 -16.32
CA HIS A 285 40.02 -53.52 -15.21
C HIS A 285 40.77 -53.07 -13.97
N GLY A 286 40.31 -53.49 -12.80
CA GLY A 286 41.03 -53.24 -11.56
C GLY A 286 40.48 -52.12 -10.70
N GLY A 287 39.31 -51.59 -11.08
CA GLY A 287 38.72 -50.50 -10.34
C GLY A 287 37.22 -50.60 -10.25
N SER A 288 36.68 -50.36 -9.06
CA SER A 288 35.24 -50.33 -8.89
C SER A 288 34.72 -48.99 -9.41
N TRP A 289 34.32 -48.99 -10.68
CA TRP A 289 33.75 -47.79 -11.28
C TRP A 289 32.48 -47.41 -10.54
N ILE A 290 31.62 -48.40 -10.37
CA ILE A 290 30.33 -48.23 -9.70
C ILE A 290 30.50 -47.56 -8.33
N ARG A 291 31.65 -47.74 -7.70
CA ARG A 291 31.94 -47.05 -6.45
C ARG A 291 32.50 -45.66 -6.69
N GLY A 292 33.20 -45.51 -7.82
CA GLY A 292 33.69 -44.20 -8.25
C GLY A 292 32.56 -43.30 -8.73
N ALA A 293 31.63 -43.87 -9.48
CA ALA A 293 30.48 -43.12 -9.97
C ALA A 293 29.55 -42.72 -8.82
N ILE A 294 29.34 -43.63 -7.88
CA ILE A 294 28.56 -43.33 -6.69
C ILE A 294 29.24 -42.21 -5.91
N TYR A 295 30.58 -42.22 -5.93
CA TYR A 295 31.36 -41.18 -5.28
C TYR A 295 31.07 -39.79 -5.84
N TYR A 296 31.00 -39.66 -7.17
CA TYR A 296 30.74 -38.35 -7.79
C TYR A 296 29.28 -37.95 -7.62
N PHE A 297 28.46 -38.85 -7.10
CA PHE A 297 27.05 -38.58 -6.86
C PHE A 297 26.75 -38.32 -5.39
N LYS A 298 27.46 -39.00 -4.49
CA LYS A 298 27.41 -38.64 -3.08
C LYS A 298 27.90 -37.19 -2.95
N ILE A 299 28.78 -36.81 -3.86
CA ILE A 299 29.38 -35.48 -3.88
C ILE A 299 28.50 -34.53 -4.68
N ALA A 300 27.75 -35.10 -5.62
CA ALA A 300 26.81 -34.30 -6.42
C ALA A 300 25.68 -33.76 -5.55
N VAL A 301 25.03 -34.63 -4.79
CA VAL A 301 23.96 -34.17 -3.90
C VAL A 301 24.49 -33.25 -2.81
N ALA A 302 25.73 -33.51 -2.36
CA ALA A 302 26.34 -32.65 -1.34
C ALA A 302 26.49 -31.23 -1.87
N LEU A 303 26.75 -31.12 -3.17
CA LEU A 303 27.06 -29.86 -3.80
C LEU A 303 25.80 -28.98 -3.84
N ALA A 304 24.71 -29.56 -4.34
CA ALA A 304 23.43 -28.88 -4.40
C ALA A 304 22.98 -28.44 -3.02
N VAL A 305 23.21 -29.29 -2.03
CA VAL A 305 22.82 -28.97 -0.65
C VAL A 305 23.70 -27.85 -0.08
N ALA A 306 25.01 -27.91 -0.37
CA ALA A 306 25.94 -26.90 0.13
C ALA A 306 25.65 -25.49 -0.40
N ALA A 307 25.18 -25.40 -1.65
CA ALA A 307 25.11 -24.12 -2.35
C ALA A 307 23.85 -23.35 -2.07
N ILE A 308 22.83 -24.05 -1.60
CA ILE A 308 21.51 -23.47 -1.51
C ILE A 308 21.16 -23.06 -0.10
N PRO A 309 20.76 -21.79 0.08
CA PRO A 309 20.38 -21.37 1.42
C PRO A 309 18.98 -21.87 1.70
N GLU A 310 18.89 -23.13 2.13
CA GLU A 310 17.62 -23.81 2.29
C GLU A 310 16.75 -23.22 3.40
N GLY A 311 17.39 -22.56 4.38
CA GLY A 311 16.65 -21.98 5.47
C GLY A 311 16.27 -20.52 5.24
N LEU A 312 16.77 -19.94 4.15
CA LEU A 312 16.64 -18.51 3.96
C LEU A 312 15.17 -18.06 3.80
N PRO A 313 14.35 -18.75 2.96
CA PRO A 313 12.94 -18.32 2.86
C PRO A 313 12.18 -18.36 4.18
N ALA A 314 12.53 -19.28 5.07
CA ALA A 314 11.87 -19.32 6.37
C ALA A 314 12.30 -18.13 7.23
N VAL A 315 13.58 -17.77 7.16
CA VAL A 315 14.09 -16.66 7.95
C VAL A 315 13.54 -15.32 7.45
N ILE A 316 13.58 -15.13 6.14
CA ILE A 316 13.01 -13.96 5.51
C ILE A 316 11.55 -13.79 5.93
N THR A 317 10.75 -14.84 5.78
CA THR A 317 9.32 -14.72 6.09
C THR A 317 9.07 -14.47 7.58
N THR A 318 9.89 -15.03 8.47
CA THR A 318 9.62 -14.84 9.91
C THR A 318 10.02 -13.45 10.40
N CYS A 319 11.03 -12.87 9.78
CA CYS A 319 11.44 -11.51 10.11
C CYS A 319 10.37 -10.51 9.62
N LEU A 320 9.93 -10.66 8.38
CA LEU A 320 8.85 -9.82 7.84
C LEU A 320 7.58 -9.94 8.67
N ALA A 321 7.23 -11.16 9.06
CA ALA A 321 6.05 -11.38 9.90
C ALA A 321 6.15 -10.56 11.18
N LEU A 322 7.31 -10.62 11.83
CA LEU A 322 7.51 -9.92 13.09
C LEU A 322 7.63 -8.41 12.90
N GLY A 323 8.12 -7.98 11.75
CA GLY A 323 8.15 -6.57 11.43
C GLY A 323 6.72 -6.08 11.30
N THR A 324 5.95 -6.78 10.47
CA THR A 324 4.53 -6.57 10.32
C THR A 324 3.77 -6.44 11.65
N ARG A 325 4.01 -7.32 12.60
CA ARG A 325 3.31 -7.19 13.88
C ARG A 325 3.69 -5.87 14.54
N ARG A 326 4.94 -5.47 14.39
CA ARG A 326 5.44 -4.22 14.99
C ARG A 326 4.83 -3.00 14.29
N MET A 327 4.73 -3.08 12.97
CA MET A 327 4.12 -2.03 12.19
C MET A 327 2.66 -1.83 12.56
N ALA A 328 1.96 -2.92 12.84
CA ALA A 328 0.53 -2.84 13.10
C ALA A 328 0.26 -2.15 14.43
N LYS A 329 1.22 -2.21 15.37
CA LYS A 329 1.08 -1.46 16.61
C LYS A 329 1.25 0.04 16.37
N LYS A 330 1.82 0.38 15.21
CA LYS A 330 2.00 1.77 14.80
C LYS A 330 1.08 2.14 13.64
N ASN A 331 -0.11 1.54 13.63
CA ASN A 331 -1.20 1.84 12.69
C ASN A 331 -0.97 1.45 11.23
N ALA A 332 0.20 0.92 10.92
CA ALA A 332 0.44 0.50 9.53
C ALA A 332 0.15 -0.98 9.41
N ILE A 333 -0.92 -1.31 8.70
CA ILE A 333 -1.32 -2.68 8.50
C ILE A 333 -0.79 -3.17 7.14
N VAL A 334 0.28 -3.97 7.18
CA VAL A 334 0.89 -4.47 5.95
C VAL A 334 0.19 -5.71 5.43
N ARG A 335 -0.19 -5.66 4.16
CA ARG A 335 -0.96 -6.73 3.54
C ARG A 335 -0.06 -7.70 2.80
N SER A 336 1.02 -7.20 2.22
CA SER A 336 1.90 -8.01 1.42
C SER A 336 3.28 -8.05 2.10
N LEU A 337 3.69 -9.21 2.60
CA LEU A 337 4.92 -9.27 3.37
C LEU A 337 6.15 -8.75 2.60
N PRO A 338 6.29 -9.11 1.31
CA PRO A 338 7.49 -8.56 0.64
C PRO A 338 7.43 -7.04 0.39
N SER A 339 6.29 -6.40 0.63
CA SER A 339 6.15 -4.97 0.38
C SER A 339 7.01 -4.14 1.30
N VAL A 340 7.25 -4.69 2.49
CA VAL A 340 8.08 -4.05 3.51
C VAL A 340 9.39 -3.52 2.94
N GLU A 341 10.00 -4.28 2.04
CA GLU A 341 11.26 -3.86 1.42
C GLU A 341 11.07 -2.69 0.45
N THR A 342 10.06 -2.79 -0.42
CA THR A 342 9.74 -1.71 -1.37
C THR A 342 9.40 -0.46 -0.60
N LEU A 343 8.64 -0.65 0.48
CA LEU A 343 8.28 0.43 1.37
C LEU A 343 9.49 1.19 1.89
N GLY A 344 10.58 0.49 2.17
CA GLY A 344 11.77 1.15 2.68
C GLY A 344 12.50 1.86 1.57
N CYS A 345 12.10 1.57 0.34
CA CYS A 345 12.73 2.10 -0.86
C CYS A 345 11.99 3.31 -1.45
N THR A 346 10.80 3.60 -0.92
CA THR A 346 9.96 4.68 -1.46
C THR A 346 10.75 5.96 -1.62
N SER A 347 10.73 6.51 -2.82
CA SER A 347 11.41 7.78 -3.05
C SER A 347 10.37 8.88 -3.27
N VAL A 348 9.15 8.50 -3.66
CA VAL A 348 8.06 9.44 -3.78
C VAL A 348 6.78 8.95 -3.10
N ILE A 349 6.21 9.82 -2.26
CA ILE A 349 4.91 9.58 -1.65
C ILE A 349 3.86 10.58 -2.14
N CYS A 350 2.89 10.11 -2.90
CA CYS A 350 1.73 10.92 -3.29
C CYS A 350 0.61 10.68 -2.30
N SER A 351 0.15 11.75 -1.66
CA SER A 351 -0.89 11.63 -0.64
C SER A 351 -2.07 12.60 -0.85
N ASP A 352 -3.28 12.05 -0.81
CA ASP A 352 -4.49 12.86 -0.70
C ASP A 352 -4.42 13.78 0.51
N LYS A 353 -5.08 14.95 0.49
CA LYS A 353 -4.93 15.85 1.62
C LYS A 353 -5.97 15.60 2.69
N THR A 354 -7.24 15.76 2.34
CA THR A 354 -8.33 15.71 3.31
C THR A 354 -8.38 14.40 4.09
N GLY A 355 -8.20 14.50 5.40
CA GLY A 355 -8.34 13.35 6.26
C GLY A 355 -7.06 12.60 6.50
N THR A 356 -6.06 12.79 5.64
CA THR A 356 -4.77 12.16 5.88
C THR A 356 -3.61 13.16 6.10
N LEU A 357 -3.54 14.25 5.33
CA LEU A 357 -2.63 15.33 5.73
C LEU A 357 -3.34 16.25 6.71
N THR A 358 -4.67 16.30 6.59
CA THR A 358 -5.49 17.10 7.49
C THR A 358 -6.48 16.24 8.28
N THR A 359 -7.17 16.85 9.23
CA THR A 359 -8.08 16.12 10.11
C THR A 359 -9.45 15.94 9.53
N ASN A 360 -9.74 16.65 8.43
CA ASN A 360 -11.09 16.72 7.91
C ASN A 360 -12.07 17.17 9.01
N GLN A 361 -11.55 17.92 9.97
CA GLN A 361 -12.34 18.43 11.08
C GLN A 361 -12.41 19.95 10.93
N MET A 362 -13.42 20.42 10.23
CA MET A 362 -13.47 21.82 9.79
C MET A 362 -14.16 22.72 10.79
N SER A 363 -13.63 23.92 10.95
CA SER A 363 -14.43 24.95 11.62
C SER A 363 -14.22 26.31 10.97
N VAL A 364 -15.26 27.14 11.02
CA VAL A 364 -15.15 28.54 10.60
C VAL A 364 -14.28 29.32 11.59
N CYS A 365 -13.24 29.97 11.06
CA CYS A 365 -12.24 30.69 11.86
C CYS A 365 -12.37 32.20 11.66
N LYS A 366 -12.93 32.59 10.52
CA LYS A 366 -13.07 33.99 10.15
C LYS A 366 -14.33 34.27 9.37
N MET A 367 -14.87 35.48 9.51
CA MET A 367 -15.96 35.97 8.66
C MET A 367 -15.98 37.51 8.56
N PHE A 368 -16.49 38.03 7.44
CA PHE A 368 -16.68 39.47 7.36
C PHE A 368 -17.95 39.84 6.67
N ILE A 369 -18.49 41.02 7.01
CA ILE A 369 -19.62 41.62 6.29
C ILE A 369 -19.27 43.04 5.89
N ILE A 370 -20.09 43.65 5.04
CA ILE A 370 -19.85 45.02 4.67
C ILE A 370 -20.39 45.92 5.76
N ASP A 371 -19.54 46.85 6.17
CA ASP A 371 -19.82 47.75 7.25
C ASP A 371 -20.34 49.05 6.68
N LYS A 372 -19.78 49.43 5.54
CA LYS A 372 -20.06 50.70 4.92
C LYS A 372 -19.50 50.83 3.51
N VAL A 373 -20.34 51.37 2.64
CA VAL A 373 -19.98 51.68 1.26
C VAL A 373 -20.41 53.10 1.00
N ASP A 374 -19.46 53.94 0.58
CA ASP A 374 -19.76 55.34 0.32
C ASP A 374 -18.72 55.88 -0.66
N GLY A 375 -19.00 55.72 -1.95
CA GLY A 375 -18.06 56.06 -3.00
C GLY A 375 -16.93 55.05 -3.13
N ASP A 376 -15.72 55.55 -3.26
CA ASP A 376 -14.55 54.68 -3.33
C ASP A 376 -14.20 54.16 -1.96
N PHE A 377 -14.81 54.76 -0.93
CA PHE A 377 -14.59 54.30 0.42
C PHE A 377 -15.43 53.07 0.68
N CYS A 378 -14.79 52.08 1.27
CA CYS A 378 -15.45 50.87 1.67
C CYS A 378 -14.85 50.41 3.00
N SER A 379 -15.67 49.91 3.89
CA SER A 379 -15.19 49.33 5.14
C SER A 379 -15.88 48.00 5.39
N LEU A 380 -15.11 47.05 5.91
CA LEU A 380 -15.62 45.73 6.24
C LEU A 380 -15.70 45.59 7.73
N ASN A 381 -16.58 44.73 8.20
CA ASN A 381 -16.43 44.22 9.56
C ASN A 381 -15.98 42.75 9.57
N GLU A 382 -14.69 42.55 9.86
CA GLU A 382 -14.09 41.22 9.97
C GLU A 382 -14.17 40.67 11.38
N PHE A 383 -14.60 39.42 11.51
CA PHE A 383 -14.62 38.79 12.82
C PHE A 383 -13.79 37.51 12.85
N SER A 384 -13.41 37.10 14.05
CA SER A 384 -12.75 35.81 14.21
C SER A 384 -13.62 34.95 15.11
N ILE A 385 -13.41 33.64 15.06
CA ILE A 385 -14.25 32.72 15.81
C ILE A 385 -13.37 31.63 16.42
N THR A 386 -13.43 31.47 17.74
CA THR A 386 -12.64 30.47 18.45
C THR A 386 -13.36 29.13 18.53
N GLY A 387 -12.62 28.09 18.93
CA GLY A 387 -13.15 26.73 19.00
C GLY A 387 -12.95 25.98 17.70
N SER A 388 -12.13 24.93 17.73
CA SER A 388 -11.72 24.24 16.52
C SER A 388 -12.52 22.97 16.25
N THR A 389 -13.34 22.59 17.21
CA THR A 389 -14.14 21.37 17.09
C THR A 389 -15.52 21.69 16.55
N TYR A 390 -16.39 20.69 16.47
CA TYR A 390 -17.76 20.93 15.98
C TYR A 390 -18.69 21.33 17.12
N ALA A 391 -18.13 21.45 18.32
CA ALA A 391 -18.91 21.84 19.48
C ALA A 391 -19.35 23.30 19.43
N PRO A 392 -20.50 23.60 20.05
CA PRO A 392 -21.00 24.98 20.18
C PRO A 392 -20.22 25.81 21.21
N GLU A 393 -18.98 25.41 21.49
CA GLU A 393 -18.16 26.11 22.45
C GLU A 393 -17.23 27.09 21.73
N GLY A 394 -17.41 28.38 21.98
CA GLY A 394 -16.55 29.39 21.39
C GLY A 394 -17.17 30.77 21.39
N GLU A 395 -16.36 31.77 21.07
CA GLU A 395 -16.87 33.13 21.02
C GLU A 395 -16.50 33.81 19.71
N VAL A 396 -17.19 34.91 19.42
CA VAL A 396 -16.90 35.71 18.24
C VAL A 396 -16.16 36.96 18.68
N LEU A 397 -15.10 37.30 17.95
CA LEU A 397 -14.22 38.38 18.35
C LEU A 397 -14.09 39.43 17.25
N LYS A 398 -14.05 40.70 17.65
CA LYS A 398 -13.77 41.77 16.70
C LYS A 398 -12.53 42.47 17.22
N ASN A 399 -11.54 42.63 16.34
CA ASN A 399 -10.22 43.11 16.73
C ASN A 399 -9.77 42.54 18.09
N ASP A 400 -9.89 41.22 18.22
CA ASP A 400 -9.55 40.46 19.44
C ASP A 400 -10.52 40.66 20.59
N LYS A 401 -11.39 41.66 20.48
CA LYS A 401 -12.39 41.86 21.51
C LYS A 401 -13.63 41.02 21.20
N PRO A 402 -14.15 40.31 22.21
CA PRO A 402 -15.43 39.58 22.10
C PRO A 402 -16.62 40.52 21.95
N ILE A 403 -17.53 40.14 21.05
CA ILE A 403 -18.68 40.95 20.72
C ILE A 403 -19.93 40.10 20.71
N ARG A 404 -21.09 40.76 20.74
CA ARG A 404 -22.35 40.06 20.61
C ARG A 404 -22.75 40.16 19.15
N SER A 405 -22.89 39.01 18.49
CA SER A 405 -23.17 38.96 17.06
C SER A 405 -24.47 39.65 16.69
N GLY A 406 -25.49 39.51 17.52
CA GLY A 406 -26.78 40.13 17.32
C GLY A 406 -26.71 41.62 17.04
N GLN A 407 -25.72 42.27 17.62
CA GLN A 407 -25.54 43.72 17.49
C GLN A 407 -25.26 44.16 16.05
N PHE A 408 -25.00 43.21 15.16
CA PHE A 408 -24.68 43.51 13.77
C PHE A 408 -25.73 42.90 12.86
N ASP A 409 -26.48 43.76 12.17
CA ASP A 409 -27.56 43.30 11.31
C ASP A 409 -27.01 42.36 10.22
N GLY A 410 -25.89 42.73 9.63
CA GLY A 410 -25.29 41.89 8.61
C GLY A 410 -25.05 40.48 9.12
N LEU A 411 -24.69 40.34 10.40
CA LEU A 411 -24.41 39.01 10.95
C LEU A 411 -25.67 38.18 11.21
N VAL A 412 -26.80 38.79 11.54
CA VAL A 412 -27.99 37.97 11.76
C VAL A 412 -28.39 37.36 10.43
N GLU A 413 -28.18 38.11 9.34
CA GLU A 413 -28.45 37.55 8.04
C GLU A 413 -27.43 36.48 7.63
N LEU A 414 -26.15 36.70 7.93
CA LEU A 414 -25.10 35.71 7.66
C LEU A 414 -25.44 34.37 8.31
N ALA A 415 -25.87 34.42 9.57
CA ALA A 415 -26.23 33.22 10.33
C ALA A 415 -27.43 32.48 9.73
N THR A 416 -28.43 33.24 9.32
CA THR A 416 -29.64 32.66 8.80
C THR A 416 -29.36 31.97 7.44
N ILE A 417 -28.48 32.56 6.64
CA ILE A 417 -28.01 31.89 5.43
C ILE A 417 -27.28 30.59 5.78
N CYS A 418 -26.41 30.67 6.78
CA CYS A 418 -25.66 29.48 7.22
C CYS A 418 -26.61 28.42 7.76
N ALA A 419 -27.64 28.85 8.47
CA ALA A 419 -28.55 27.89 9.08
C ALA A 419 -29.46 27.22 8.06
N LEU A 420 -29.90 27.98 7.06
CA LEU A 420 -30.89 27.50 6.12
C LEU A 420 -30.27 26.93 4.84
N CYS A 421 -29.22 27.57 4.32
CA CYS A 421 -28.59 27.04 3.11
C CYS A 421 -27.66 25.90 3.46
N ASN A 422 -28.23 24.79 3.91
CA ASN A 422 -27.50 23.82 4.70
C ASN A 422 -28.27 22.52 4.84
N ASP A 423 -27.72 21.44 4.27
CA ASP A 423 -28.39 20.14 4.36
C ASP A 423 -27.85 19.33 5.53
N SER A 424 -26.95 19.92 6.29
CA SER A 424 -26.28 19.20 7.37
C SER A 424 -26.81 19.65 8.73
N SER A 425 -26.32 19.02 9.78
CA SER A 425 -26.67 19.41 11.14
C SER A 425 -25.69 18.79 12.13
N LEU A 426 -26.01 18.96 13.41
CA LEU A 426 -25.20 18.41 14.49
C LEU A 426 -25.96 17.38 15.29
N ASP A 427 -25.25 16.63 16.13
CA ASP A 427 -25.86 15.77 17.13
C ASP A 427 -24.85 15.49 18.24
N PHE A 428 -25.32 15.50 19.48
CA PHE A 428 -24.45 15.24 20.61
C PHE A 428 -24.41 13.76 20.94
N ASN A 429 -23.21 13.20 20.98
CA ASN A 429 -23.02 11.79 21.30
C ASN A 429 -22.74 11.59 22.79
N GLU A 430 -23.55 10.76 23.43
CA GLU A 430 -23.42 10.54 24.86
C GLU A 430 -22.42 9.42 25.14
N THR A 431 -22.32 8.47 24.20
CA THR A 431 -21.40 7.34 24.36
C THR A 431 -19.95 7.80 24.35
N LYS A 432 -19.59 8.62 23.37
CA LYS A 432 -18.21 9.12 23.25
C LYS A 432 -18.05 10.46 23.96
N GLY A 433 -19.16 11.12 24.28
CA GLY A 433 -19.13 12.36 25.04
C GLY A 433 -18.70 13.60 24.28
N VAL A 434 -18.80 13.56 22.96
CA VAL A 434 -18.39 14.70 22.14
C VAL A 434 -19.43 14.97 21.04
N TYR A 435 -19.46 16.20 20.55
CA TYR A 435 -20.35 16.57 19.44
C TYR A 435 -19.83 16.05 18.12
N GLU A 436 -20.73 15.55 17.27
CA GLU A 436 -20.35 14.97 15.99
C GLU A 436 -21.15 15.52 14.80
N LYS A 437 -20.57 15.44 13.61
CA LYS A 437 -21.18 16.02 12.42
C LYS A 437 -22.24 15.10 11.83
N VAL A 438 -23.30 15.70 11.32
CA VAL A 438 -24.30 14.96 10.55
C VAL A 438 -24.44 15.58 9.16
N GLY A 439 -23.64 15.09 8.22
CA GLY A 439 -23.60 15.63 6.87
C GLY A 439 -22.18 15.99 6.47
N GLU A 440 -22.04 16.84 5.46
CA GLU A 440 -20.72 17.27 5.01
C GLU A 440 -19.96 17.98 6.13
N ALA A 441 -18.63 17.87 6.11
CA ALA A 441 -17.81 18.52 7.13
C ALA A 441 -17.94 20.02 6.99
N THR A 442 -18.00 20.46 5.74
CA THR A 442 -18.03 21.90 5.44
C THR A 442 -19.30 22.54 5.95
N GLU A 443 -20.45 21.94 5.64
CA GLU A 443 -21.71 22.52 6.06
C GLU A 443 -21.88 22.43 7.55
N THR A 444 -21.42 21.32 8.13
CA THR A 444 -21.54 21.16 9.58
C THR A 444 -20.72 22.24 10.30
N ALA A 445 -19.63 22.68 9.70
CA ALA A 445 -18.91 23.83 10.24
C ALA A 445 -19.85 25.04 10.30
N LEU A 446 -20.75 25.18 9.32
CA LEU A 446 -21.64 26.35 9.32
C LEU A 446 -22.66 26.23 10.45
N THR A 447 -23.19 25.03 10.67
CA THR A 447 -24.18 24.92 11.71
C THR A 447 -23.49 25.14 13.07
N THR A 448 -22.23 24.75 13.18
CA THR A 448 -21.48 25.05 14.41
C THR A 448 -21.30 26.56 14.57
N LEU A 449 -20.96 27.24 13.48
CA LEU A 449 -20.79 28.69 13.51
C LEU A 449 -22.04 29.38 14.05
N VAL A 450 -23.18 28.97 13.52
CA VAL A 450 -24.48 29.54 13.90
C VAL A 450 -24.76 29.34 15.39
N GLU A 451 -24.35 28.20 15.92
CA GLU A 451 -24.57 27.95 17.33
C GLU A 451 -23.73 28.89 18.18
N LYS A 452 -22.52 29.17 17.73
CA LYS A 452 -21.65 30.07 18.49
C LYS A 452 -22.11 31.53 18.39
N MET A 453 -22.65 31.92 17.25
CA MET A 453 -23.05 33.30 17.06
C MET A 453 -24.25 33.70 17.93
N ASN A 454 -25.18 32.76 18.13
CA ASN A 454 -26.40 32.97 18.94
C ASN A 454 -26.97 34.34 18.69
N VAL A 455 -27.35 34.57 17.45
CA VAL A 455 -27.58 35.91 16.96
C VAL A 455 -28.88 36.51 17.48
N PHE A 456 -29.64 35.71 18.21
CA PHE A 456 -30.84 36.24 18.89
C PHE A 456 -30.74 36.11 20.40
N ASN A 457 -29.56 35.74 20.88
CA ASN A 457 -29.30 35.61 22.31
C ASN A 457 -30.33 34.72 22.99
N THR A 458 -30.62 33.59 22.37
CA THR A 458 -31.53 32.59 22.91
C THR A 458 -31.06 32.12 24.28
N GLU A 459 -32.00 31.94 25.21
CA GLU A 459 -31.64 31.37 26.51
C GLU A 459 -30.96 30.04 26.26
N VAL A 460 -29.64 30.11 26.13
CA VAL A 460 -28.83 28.98 25.74
C VAL A 460 -28.11 28.39 26.95
N ARG A 461 -27.86 29.24 27.94
CA ARG A 461 -27.22 28.84 29.18
C ARG A 461 -28.00 27.75 29.90
N ASN A 462 -29.32 27.85 29.86
CA ASN A 462 -30.19 26.88 30.53
C ASN A 462 -30.50 25.66 29.65
N LEU A 463 -29.62 25.39 28.68
CA LEU A 463 -29.86 24.31 27.72
C LEU A 463 -28.93 23.12 27.90
N SER A 464 -29.49 21.92 27.78
CA SER A 464 -28.74 20.67 27.88
C SER A 464 -28.00 20.37 26.59
N LYS A 465 -26.98 19.53 26.68
CA LYS A 465 -26.09 19.30 25.54
C LYS A 465 -26.76 18.72 24.30
N VAL A 466 -27.56 17.67 24.46
CA VAL A 466 -28.17 17.01 23.29
C VAL A 466 -29.05 17.96 22.50
N GLU A 467 -29.67 18.91 23.19
CA GLU A 467 -30.52 19.89 22.53
C GLU A 467 -29.73 21.16 22.21
N ARG A 468 -28.62 21.36 22.91
CA ARG A 468 -27.75 22.49 22.65
C ARG A 468 -27.14 22.43 21.26
N ALA A 469 -27.07 21.21 20.72
CA ALA A 469 -26.43 20.95 19.44
C ALA A 469 -27.02 21.74 18.27
N ASN A 470 -28.34 21.89 18.25
CA ASN A 470 -28.99 22.57 17.13
C ASN A 470 -29.94 23.69 17.58
N ALA A 471 -29.68 24.26 18.75
CA ALA A 471 -30.62 25.18 19.40
C ALA A 471 -30.79 26.52 18.67
N CYS A 472 -29.68 27.17 18.32
CA CYS A 472 -29.75 28.47 17.64
C CYS A 472 -30.19 28.31 16.20
N ASN A 473 -29.77 27.21 15.58
CA ASN A 473 -30.17 26.85 14.22
C ASN A 473 -31.68 26.68 14.12
N SER A 474 -32.27 26.12 15.17
CA SER A 474 -33.67 25.74 15.14
C SER A 474 -34.57 26.95 15.23
N VAL A 475 -34.08 28.03 15.85
CA VAL A 475 -34.92 29.21 15.98
C VAL A 475 -34.85 30.03 14.69
N ILE A 476 -33.85 29.73 13.86
CA ILE A 476 -33.80 30.30 12.52
C ILE A 476 -34.66 29.47 11.57
N ARG A 477 -34.68 28.15 11.77
CA ARG A 477 -35.46 27.27 10.90
C ARG A 477 -36.95 27.39 11.16
N GLN A 478 -37.32 28.13 12.20
CA GLN A 478 -38.72 28.36 12.50
C GLN A 478 -39.17 29.73 12.02
N LEU A 479 -38.26 30.47 11.39
CA LEU A 479 -38.53 31.83 10.93
C LEU A 479 -38.86 31.88 9.44
N MET A 480 -38.11 31.14 8.63
CA MET A 480 -38.45 31.01 7.22
C MET A 480 -38.83 29.56 6.93
N LYS A 481 -39.83 29.38 6.08
CA LYS A 481 -40.21 28.07 5.57
C LYS A 481 -39.30 27.71 4.39
N LYS A 482 -38.50 26.64 4.53
CA LYS A 482 -37.71 26.14 3.40
C LYS A 482 -38.65 25.45 2.42
N GLU A 483 -38.84 26.06 1.26
CA GLU A 483 -39.79 25.59 0.28
C GLU A 483 -39.19 24.45 -0.51
N PHE A 484 -37.95 24.67 -0.96
CA PHE A 484 -37.21 23.71 -1.76
C PHE A 484 -35.75 24.16 -1.86
N THR A 485 -34.87 23.28 -2.28
CA THR A 485 -33.49 23.69 -2.40
C THR A 485 -32.89 23.34 -3.75
N LEU A 486 -32.08 24.26 -4.28
CA LEU A 486 -31.37 24.05 -5.53
C LEU A 486 -29.99 23.50 -5.21
N GLU A 487 -29.85 22.18 -5.33
CA GLU A 487 -28.61 21.52 -4.93
C GLU A 487 -27.38 22.07 -5.63
N PHE A 488 -26.25 21.99 -4.93
CA PHE A 488 -24.95 22.30 -5.49
C PHE A 488 -24.69 21.51 -6.76
N SER A 489 -24.13 22.19 -7.74
CA SER A 489 -23.47 21.53 -8.86
C SER A 489 -22.20 22.33 -9.19
N ARG A 490 -21.31 21.70 -9.94
CA ARG A 490 -19.98 22.23 -10.13
C ARG A 490 -19.84 23.15 -11.32
N ASP A 491 -20.83 23.19 -12.20
CA ASP A 491 -20.82 24.26 -13.21
C ASP A 491 -20.93 25.66 -12.57
N ARG A 492 -21.60 25.78 -11.44
CA ARG A 492 -21.80 27.11 -10.86
C ARG A 492 -21.18 27.24 -9.48
N LYS A 493 -20.87 26.11 -8.84
CA LYS A 493 -20.19 26.10 -7.55
C LYS A 493 -20.92 26.92 -6.49
N SER A 494 -22.23 26.74 -6.44
CA SER A 494 -23.01 27.29 -5.34
C SER A 494 -24.23 26.40 -5.14
N MET A 495 -24.93 26.62 -4.03
CA MET A 495 -26.25 26.04 -3.83
C MET A 495 -27.21 27.09 -3.25
N SER A 496 -28.51 26.83 -3.32
CA SER A 496 -29.44 27.80 -2.75
C SER A 496 -30.70 27.17 -2.18
N VAL A 497 -31.31 27.87 -1.23
CA VAL A 497 -32.61 27.47 -0.72
C VAL A 497 -33.64 28.61 -0.89
N TYR A 498 -34.83 28.24 -1.34
CA TYR A 498 -35.92 29.18 -1.57
C TYR A 498 -36.86 29.13 -0.35
N CYS A 499 -36.98 30.27 0.34
CA CYS A 499 -37.78 30.35 1.56
C CYS A 499 -38.90 31.39 1.49
N SER A 500 -40.03 31.05 2.07
CA SER A 500 -41.13 31.99 2.25
C SER A 500 -41.19 32.38 3.72
N PRO A 501 -41.67 33.59 4.03
CA PRO A 501 -41.77 33.98 5.44
C PRO A 501 -42.72 33.04 6.18
N ALA A 502 -42.32 32.57 7.35
CA ALA A 502 -43.17 31.67 8.11
C ALA A 502 -44.16 32.45 8.97
N LYS A 503 -45.45 32.38 8.64
CA LYS A 503 -46.57 32.95 9.42
C LYS A 503 -46.39 34.39 9.94
N SER A 504 -45.17 34.89 9.80
CA SER A 504 -44.60 36.10 10.42
C SER A 504 -45.49 37.06 11.22
N SER A 505 -45.03 37.38 12.43
CA SER A 505 -45.59 38.46 13.22
C SER A 505 -45.20 39.80 12.58
N ARG A 506 -44.16 39.75 11.76
CA ARG A 506 -43.71 40.91 10.99
C ARG A 506 -43.73 40.60 9.50
N ALA A 507 -44.70 41.18 8.77
CA ALA A 507 -44.84 40.95 7.34
C ALA A 507 -43.56 41.26 6.57
N ALA A 508 -42.95 40.23 6.00
CA ALA A 508 -41.65 40.36 5.34
C ALA A 508 -41.76 40.92 3.92
N VAL A 509 -40.60 41.16 3.31
CA VAL A 509 -40.53 41.61 1.92
C VAL A 509 -41.18 40.57 1.02
N GLY A 510 -41.13 39.33 1.49
CA GLY A 510 -41.72 38.21 0.78
C GLY A 510 -40.75 37.05 0.77
N ASN A 511 -40.75 36.31 -0.32
CA ASN A 511 -39.88 35.18 -0.46
C ASN A 511 -38.41 35.56 -0.61
N LYS A 512 -37.53 34.69 -0.11
CA LYS A 512 -36.09 34.87 -0.28
C LYS A 512 -35.44 33.62 -0.83
N MET A 513 -34.30 33.81 -1.49
CA MET A 513 -33.38 32.75 -1.85
C MET A 513 -32.08 33.00 -1.09
N PHE A 514 -31.57 31.97 -0.42
CA PHE A 514 -30.27 32.14 0.22
C PHE A 514 -29.26 31.27 -0.49
N VAL A 515 -28.13 31.85 -0.89
CA VAL A 515 -27.13 31.08 -1.62
C VAL A 515 -25.75 31.13 -0.98
N LYS A 516 -25.02 30.01 -1.11
CA LYS A 516 -23.64 29.93 -0.67
C LYS A 516 -22.85 29.13 -1.68
N GLY A 517 -21.60 29.51 -1.88
CA GLY A 517 -20.75 28.82 -2.84
C GLY A 517 -19.34 29.39 -2.90
N ALA A 518 -18.57 28.89 -3.86
CA ALA A 518 -17.27 29.44 -4.17
C ALA A 518 -17.45 30.93 -4.49
N PRO A 519 -16.63 31.78 -3.88
CA PRO A 519 -16.73 33.25 -3.90
C PRO A 519 -16.75 33.88 -5.30
N GLU A 520 -15.83 33.51 -6.20
CA GLU A 520 -15.80 34.17 -7.50
C GLU A 520 -17.15 34.16 -8.22
N GLY A 521 -17.73 32.97 -8.36
CA GLY A 521 -18.98 32.82 -9.08
C GLY A 521 -20.10 33.56 -8.41
N VAL A 522 -20.24 33.34 -7.10
CA VAL A 522 -21.31 33.96 -6.33
C VAL A 522 -21.22 35.49 -6.38
N ILE A 523 -20.03 36.02 -6.17
CA ILE A 523 -19.85 37.46 -6.12
C ILE A 523 -20.14 38.10 -7.48
N ASP A 524 -19.75 37.42 -8.58
CA ASP A 524 -20.03 37.94 -9.91
C ASP A 524 -21.54 38.09 -10.18
N ARG A 525 -22.34 37.24 -9.54
CA ARG A 525 -23.79 37.24 -9.71
C ARG A 525 -24.51 38.14 -8.71
N CYS A 526 -23.74 38.93 -7.97
CA CYS A 526 -24.30 39.91 -7.06
C CYS A 526 -24.34 41.28 -7.72
N ASN A 527 -25.50 41.93 -7.69
CA ASN A 527 -25.61 43.31 -8.14
C ASN A 527 -25.71 44.29 -6.96
N TYR A 528 -25.89 43.74 -5.77
CA TYR A 528 -25.97 44.57 -4.58
C TYR A 528 -25.13 44.01 -3.44
N VAL A 529 -24.81 44.87 -2.48
CA VAL A 529 -24.18 44.42 -1.24
C VAL A 529 -25.04 44.88 -0.07
N ARG A 530 -25.21 44.00 0.90
CA ARG A 530 -25.96 44.34 2.10
C ARG A 530 -25.08 45.14 3.06
N VAL A 531 -25.61 46.27 3.55
CA VAL A 531 -24.91 47.02 4.59
C VAL A 531 -25.84 47.19 5.80
N GLY A 532 -25.70 46.28 6.77
CA GLY A 532 -26.64 46.17 7.85
C GLY A 532 -27.93 45.58 7.32
N THR A 533 -28.99 46.38 7.38
CA THR A 533 -30.26 46.04 6.76
C THR A 533 -30.47 46.78 5.45
N THR A 534 -29.55 47.67 5.13
CA THR A 534 -29.68 48.40 3.88
C THR A 534 -29.02 47.65 2.74
N ARG A 535 -29.27 48.17 1.56
CA ARG A 535 -28.80 47.57 0.34
C ARG A 535 -28.26 48.67 -0.57
N VAL A 536 -27.12 48.40 -1.19
CA VAL A 536 -26.44 49.35 -2.05
C VAL A 536 -25.99 48.61 -3.30
N PRO A 537 -25.93 49.28 -4.46
CA PRO A 537 -25.41 48.61 -5.66
C PRO A 537 -23.96 48.12 -5.51
N MET A 538 -23.65 47.03 -6.19
CA MET A 538 -22.30 46.47 -6.16
C MET A 538 -21.36 47.28 -7.05
N THR A 539 -20.31 47.84 -6.47
CA THR A 539 -19.35 48.60 -7.24
C THR A 539 -17.96 47.99 -7.20
N GLY A 540 -17.10 48.53 -8.07
CA GLY A 540 -15.71 48.13 -8.16
C GLY A 540 -14.93 48.14 -6.84
N PRO A 541 -14.88 49.29 -6.17
CA PRO A 541 -14.10 49.35 -4.93
C PRO A 541 -14.58 48.33 -3.89
N VAL A 542 -15.88 48.08 -3.86
CA VAL A 542 -16.43 47.13 -2.91
C VAL A 542 -16.07 45.71 -3.32
N LYS A 543 -16.18 45.41 -4.62
CA LYS A 543 -15.80 44.10 -5.14
C LYS A 543 -14.31 43.79 -4.88
N GLU A 544 -13.43 44.64 -5.38
CA GLU A 544 -12.00 44.48 -5.16
C GLU A 544 -11.68 44.29 -3.69
N LYS A 545 -12.34 45.05 -2.82
CA LYS A 545 -12.06 44.92 -1.39
C LYS A 545 -12.52 43.56 -0.90
N ILE A 546 -13.68 43.13 -1.36
CA ILE A 546 -14.16 41.82 -0.94
C ILE A 546 -13.24 40.70 -1.44
N LEU A 547 -12.83 40.79 -2.70
CA LEU A 547 -12.02 39.74 -3.31
C LEU A 547 -10.59 39.72 -2.74
N SER A 548 -10.05 40.90 -2.42
CA SER A 548 -8.70 41.00 -1.90
C SER A 548 -8.57 40.31 -0.55
N VAL A 549 -9.59 40.49 0.29
CA VAL A 549 -9.61 39.79 1.56
C VAL A 549 -9.70 38.27 1.34
N ILE A 550 -10.60 37.83 0.46
CA ILE A 550 -10.75 36.42 0.16
C ILE A 550 -9.41 35.81 -0.29
N LYS A 551 -8.69 36.53 -1.15
CA LYS A 551 -7.38 36.07 -1.59
C LYS A 551 -6.45 35.92 -0.38
N GLU A 552 -6.31 36.97 0.41
CA GLU A 552 -5.52 36.90 1.65
C GLU A 552 -5.84 35.65 2.49
N TRP A 553 -7.10 35.45 2.83
CA TRP A 553 -7.51 34.36 3.72
C TRP A 553 -7.19 32.97 3.16
N GLY A 554 -7.35 32.81 1.85
CA GLY A 554 -7.17 31.51 1.23
C GLY A 554 -5.74 31.24 0.84
N THR A 555 -4.99 32.31 0.59
CA THR A 555 -3.72 32.23 -0.12
C THR A 555 -2.55 32.52 0.83
N GLY A 556 -2.87 32.92 2.05
CA GLY A 556 -1.86 33.24 3.04
C GLY A 556 -1.77 32.18 4.11
N ARG A 557 -1.18 32.55 5.24
CA ARG A 557 -0.86 31.58 6.28
C ARG A 557 -2.13 31.06 6.98
N ASP A 558 -3.25 31.72 6.73
CA ASP A 558 -4.53 31.26 7.24
C ASP A 558 -5.02 29.97 6.55
N THR A 559 -4.64 29.80 5.28
CA THR A 559 -5.09 28.69 4.41
C THR A 559 -6.57 28.30 4.63
N LEU A 560 -7.45 29.29 4.53
CA LEU A 560 -8.86 29.11 4.82
C LEU A 560 -9.64 28.80 3.55
N ARG A 561 -10.59 27.88 3.64
CA ARG A 561 -11.52 27.70 2.56
C ARG A 561 -12.64 28.74 2.71
N CYS A 562 -12.94 29.48 1.64
CA CYS A 562 -13.97 30.53 1.73
C CYS A 562 -15.26 30.20 0.99
N LEU A 563 -16.38 30.56 1.62
CA LEU A 563 -17.68 30.57 1.01
C LEU A 563 -18.23 32.00 1.00
N ALA A 564 -18.77 32.44 -0.14
CA ALA A 564 -19.52 33.69 -0.15
C ALA A 564 -20.96 33.37 0.16
N LEU A 565 -21.58 34.22 0.97
CA LEU A 565 -22.99 34.07 1.29
C LEU A 565 -23.76 35.26 0.72
N ALA A 566 -24.97 34.99 0.25
CA ALA A 566 -25.72 36.00 -0.50
C ALA A 566 -27.20 35.67 -0.51
N THR A 567 -28.04 36.67 -0.63
CA THR A 567 -29.44 36.37 -0.82
C THR A 567 -30.00 37.10 -2.02
N ARG A 568 -30.99 36.47 -2.64
CA ARG A 568 -31.72 37.09 -3.71
C ARG A 568 -32.98 37.70 -3.10
N ASP A 569 -33.03 39.03 -3.08
CA ASP A 569 -34.08 39.77 -2.39
C ASP A 569 -35.40 39.67 -3.11
N THR A 570 -35.35 39.62 -4.43
CA THR A 570 -36.56 39.36 -5.22
C THR A 570 -36.42 38.13 -6.10
N PRO A 571 -36.70 36.94 -5.56
CA PRO A 571 -36.52 35.74 -6.39
C PRO A 571 -37.56 35.65 -7.49
N PRO A 572 -37.35 34.76 -8.47
CA PRO A 572 -38.41 34.54 -9.46
C PRO A 572 -39.69 34.08 -8.79
N LYS A 573 -40.82 34.31 -9.45
CA LYS A 573 -42.05 33.79 -8.90
C LYS A 573 -41.94 32.26 -8.86
N ARG A 574 -42.47 31.65 -7.80
CA ARG A 574 -42.37 30.22 -7.60
C ARG A 574 -42.79 29.41 -8.84
N GLU A 575 -43.88 29.84 -9.49
CA GLU A 575 -44.44 29.06 -10.57
C GLU A 575 -43.60 29.17 -11.86
N GLU A 576 -42.65 30.10 -11.86
CA GLU A 576 -41.79 30.29 -13.02
C GLU A 576 -40.46 29.55 -12.88
N MET A 577 -40.35 28.69 -11.87
CA MET A 577 -39.15 27.89 -11.75
C MET A 577 -39.38 26.40 -12.05
N VAL A 578 -38.39 25.83 -12.74
CA VAL A 578 -38.36 24.40 -13.04
C VAL A 578 -37.20 23.77 -12.29
N LEU A 579 -37.51 22.83 -11.41
CA LEU A 579 -36.56 22.30 -10.45
C LEU A 579 -36.00 20.94 -10.87
N ASP A 580 -36.32 20.53 -12.10
CA ASP A 580 -35.93 19.22 -12.60
C ASP A 580 -34.66 19.26 -13.44
N ASP A 581 -34.02 20.43 -13.52
CA ASP A 581 -32.82 20.55 -14.33
C ASP A 581 -31.90 21.61 -13.77
N SER A 582 -30.78 21.17 -13.21
CA SER A 582 -29.83 22.07 -12.60
C SER A 582 -29.17 22.99 -13.62
N SER A 583 -29.49 22.83 -14.89
CA SER A 583 -28.91 23.68 -15.93
C SER A 583 -29.36 25.11 -15.70
N ARG A 584 -30.55 25.26 -15.14
CA ARG A 584 -31.13 26.58 -14.95
C ARG A 584 -30.83 27.20 -13.60
N PHE A 585 -30.30 26.42 -12.67
CA PHE A 585 -30.16 26.90 -11.28
C PHE A 585 -29.22 28.10 -11.19
N MET A 586 -28.25 28.22 -12.09
CA MET A 586 -27.38 29.40 -12.06
C MET A 586 -28.18 30.65 -12.38
N GLU A 587 -29.08 30.54 -13.35
CA GLU A 587 -29.90 31.66 -13.74
C GLU A 587 -30.84 32.08 -12.62
N TYR A 588 -31.34 31.10 -11.88
CA TYR A 588 -32.19 31.42 -10.73
C TYR A 588 -31.39 32.13 -9.63
N GLU A 589 -30.07 31.94 -9.61
CA GLU A 589 -29.24 32.53 -8.56
C GLU A 589 -28.46 33.76 -9.06
N THR A 590 -29.13 34.62 -9.81
CA THR A 590 -28.55 35.89 -10.28
C THR A 590 -29.17 37.08 -9.56
N ASP A 591 -28.57 38.26 -9.79
CA ASP A 591 -29.04 39.50 -9.21
C ASP A 591 -29.12 39.41 -7.69
N LEU A 592 -28.07 38.87 -7.10
CA LEU A 592 -28.02 38.62 -5.66
C LEU A 592 -27.55 39.85 -4.89
N THR A 593 -27.71 39.83 -3.57
CA THR A 593 -27.00 40.77 -2.74
C THR A 593 -25.98 40.02 -1.85
N PHE A 594 -24.72 40.41 -2.02
CA PHE A 594 -23.65 39.90 -1.19
C PHE A 594 -23.97 40.22 0.25
N VAL A 595 -23.83 39.25 1.16
CA VAL A 595 -23.98 39.62 2.57
C VAL A 595 -22.72 39.34 3.40
N GLY A 596 -21.97 38.31 3.05
CA GLY A 596 -20.73 38.02 3.77
C GLY A 596 -19.91 36.88 3.23
N VAL A 597 -18.75 36.67 3.86
CA VAL A 597 -17.88 35.56 3.56
C VAL A 597 -17.59 34.82 4.86
N VAL A 598 -17.46 33.49 4.79
CA VAL A 598 -16.94 32.71 5.92
C VAL A 598 -15.70 31.97 5.50
N GLY A 599 -14.74 31.96 6.42
CA GLY A 599 -13.49 31.26 6.19
C GLY A 599 -13.36 30.10 7.18
N MET A 600 -13.23 28.89 6.66
CA MET A 600 -13.05 27.74 7.54
C MET A 600 -11.72 27.09 7.32
N LEU A 601 -11.24 26.44 8.37
CA LEU A 601 -9.98 25.73 8.32
C LEU A 601 -10.16 24.22 8.48
N ASP A 602 -9.48 23.48 7.61
CA ASP A 602 -9.28 22.06 7.81
C ASP A 602 -7.81 21.89 8.18
N PRO A 603 -7.52 21.77 9.49
CA PRO A 603 -6.13 21.87 9.98
C PRO A 603 -5.31 20.64 9.67
N PRO A 604 -4.00 20.81 9.45
CA PRO A 604 -3.08 19.66 9.37
C PRO A 604 -3.15 18.79 10.61
N ARG A 605 -2.90 17.51 10.45
CA ARG A 605 -2.75 16.66 11.61
C ARG A 605 -1.50 17.12 12.34
N LYS A 606 -1.48 16.97 13.66
CA LYS A 606 -0.43 17.52 14.50
C LYS A 606 0.97 16.99 14.13
N GLU A 607 1.04 15.75 13.67
CA GLU A 607 2.32 15.09 13.41
C GLU A 607 2.83 15.33 12.01
N VAL A 608 2.01 15.94 11.16
CA VAL A 608 2.31 15.96 9.74
C VAL A 608 3.51 16.85 9.42
N MET A 609 3.62 17.98 10.12
CA MET A 609 4.82 18.83 10.04
C MET A 609 6.11 18.02 10.08
N GLY A 610 6.36 17.38 11.23
CA GLY A 610 7.54 16.55 11.44
C GLY A 610 7.81 15.53 10.33
N SER A 611 6.79 14.75 9.97
CA SER A 611 6.94 13.72 8.95
C SER A 611 7.44 14.26 7.61
N ILE A 612 6.87 15.39 7.16
CA ILE A 612 7.31 16.04 5.94
C ILE A 612 8.81 16.39 6.03
N GLN A 613 9.27 16.79 7.21
CA GLN A 613 10.69 17.07 7.40
C GLN A 613 11.54 15.78 7.42
N LEU A 614 10.98 14.69 7.93
CA LEU A 614 11.69 13.42 7.91
C LEU A 614 11.92 13.00 6.48
N CYS A 615 10.88 13.16 5.67
CA CYS A 615 10.96 12.87 4.25
C CYS A 615 12.06 13.69 3.58
N ARG A 616 12.21 14.95 3.98
CA ARG A 616 13.25 15.79 3.41
C ARG A 616 14.60 15.24 3.78
N ASP A 617 14.73 14.89 5.05
CA ASP A 617 15.92 14.28 5.61
C ASP A 617 16.28 12.95 4.95
N ALA A 618 15.24 12.19 4.58
CA ALA A 618 15.40 10.86 3.97
C ALA A 618 15.41 10.92 2.44
N GLY A 619 15.33 12.12 1.90
CA GLY A 619 15.37 12.30 0.46
C GLY A 619 14.16 11.72 -0.23
N ILE A 620 13.03 11.73 0.47
CA ILE A 620 11.77 11.35 -0.13
C ILE A 620 10.92 12.54 -0.54
N ARG A 621 10.55 12.58 -1.81
CA ARG A 621 9.64 13.60 -2.31
C ARG A 621 8.22 13.32 -1.84
N VAL A 622 7.55 14.40 -1.42
CA VAL A 622 6.14 14.33 -1.04
C VAL A 622 5.28 15.17 -1.98
N ILE A 623 4.26 14.53 -2.53
CA ILE A 623 3.36 15.16 -3.47
C ILE A 623 1.96 15.15 -2.90
N MET A 624 1.43 16.35 -2.66
CA MET A 624 0.04 16.51 -2.21
C MET A 624 -0.94 16.43 -3.37
N ILE A 625 -2.02 15.69 -3.14
CA ILE A 625 -3.17 15.71 -4.04
C ILE A 625 -4.40 16.18 -3.28
N THR A 626 -5.01 17.27 -3.75
CA THR A 626 -6.10 17.93 -3.02
C THR A 626 -7.18 18.44 -3.96
N GLY A 627 -8.31 18.83 -3.37
CA GLY A 627 -9.43 19.37 -4.12
C GLY A 627 -9.48 20.90 -4.02
N ASP A 628 -8.69 21.45 -3.10
CA ASP A 628 -8.49 22.88 -2.99
C ASP A 628 -8.23 23.54 -4.35
N ASN A 629 -8.50 24.84 -4.47
CA ASN A 629 -8.06 25.53 -5.66
C ASN A 629 -6.51 25.57 -5.63
N LYS A 630 -5.88 25.91 -6.75
CA LYS A 630 -4.42 25.87 -6.83
C LYS A 630 -3.75 26.81 -5.84
N GLY A 631 -4.26 28.04 -5.73
CA GLY A 631 -3.71 29.00 -4.79
C GLY A 631 -3.71 28.58 -3.33
N THR A 632 -4.77 27.91 -2.88
CA THR A 632 -4.85 27.49 -1.49
C THR A 632 -4.06 26.16 -1.29
N ALA A 633 -4.08 25.28 -2.30
CA ALA A 633 -3.25 24.07 -2.29
C ALA A 633 -1.79 24.42 -2.05
N ILE A 634 -1.29 25.42 -2.78
CA ILE A 634 0.07 25.91 -2.67
C ILE A 634 0.33 26.43 -1.26
N ALA A 635 -0.62 27.19 -0.74
CA ALA A 635 -0.46 27.79 0.57
C ALA A 635 -0.43 26.69 1.63
N ILE A 636 -1.27 25.68 1.47
CA ILE A 636 -1.32 24.60 2.44
C ILE A 636 -0.02 23.79 2.42
N CYS A 637 0.53 23.58 1.22
CA CYS A 637 1.84 23.01 1.05
C CYS A 637 2.91 23.82 1.81
N ARG A 638 2.81 25.14 1.75
CA ARG A 638 3.74 26.01 2.46
C ARG A 638 3.57 25.81 3.96
N ARG A 639 2.33 25.75 4.40
CA ARG A 639 2.01 25.58 5.81
C ARG A 639 2.56 24.28 6.41
N ILE A 640 2.66 23.22 5.62
CA ILE A 640 3.08 21.94 6.17
C ILE A 640 4.52 21.58 5.79
N GLY A 641 5.18 22.48 5.06
CA GLY A 641 6.60 22.36 4.74
C GLY A 641 6.93 21.71 3.42
N ILE A 642 5.93 21.33 2.65
CA ILE A 642 6.17 20.78 1.31
C ILE A 642 6.82 21.82 0.42
N PHE A 643 6.40 23.07 0.57
CA PHE A 643 7.03 24.21 -0.08
C PHE A 643 7.59 25.14 1.00
N GLY A 644 8.72 25.77 0.73
CA GLY A 644 9.20 26.80 1.62
C GLY A 644 8.25 27.97 1.48
N GLU A 645 8.14 28.78 2.53
CA GLU A 645 7.24 29.91 2.53
C GLU A 645 7.51 30.90 1.41
N ASN A 646 8.78 31.07 1.06
CA ASN A 646 9.14 32.01 0.01
C ASN A 646 9.74 31.33 -1.21
N GLU A 647 9.56 30.02 -1.31
CA GLU A 647 10.03 29.26 -2.46
C GLU A 647 9.18 29.56 -3.69
N GLU A 648 9.81 29.76 -4.83
CA GLU A 648 9.08 29.90 -6.09
C GLU A 648 8.64 28.54 -6.57
N VAL A 649 7.32 28.34 -6.70
CA VAL A 649 6.78 27.01 -6.98
C VAL A 649 5.95 26.98 -8.24
N ALA A 650 6.25 27.89 -9.17
CA ALA A 650 5.50 27.98 -10.41
C ALA A 650 5.52 26.67 -11.18
N ASP A 651 6.66 25.98 -11.16
CA ASP A 651 6.82 24.75 -11.92
C ASP A 651 6.65 23.49 -11.10
N ARG A 652 6.17 23.62 -9.86
CA ARG A 652 6.05 22.47 -9.00
C ARG A 652 4.58 22.25 -8.55
N ALA A 653 3.67 23.04 -9.12
CA ALA A 653 2.24 22.97 -8.81
C ALA A 653 1.36 22.96 -10.07
N TYR A 654 0.34 22.10 -10.09
CA TYR A 654 -0.49 21.93 -11.28
C TYR A 654 -1.94 21.58 -10.93
N THR A 655 -2.88 22.09 -11.72
CA THR A 655 -4.25 21.63 -11.66
C THR A 655 -4.43 20.54 -12.70
N GLY A 656 -5.40 19.66 -12.49
CA GLY A 656 -5.78 18.70 -13.51
C GLY A 656 -5.92 19.35 -14.88
N ARG A 657 -6.60 20.49 -14.94
CA ARG A 657 -6.81 21.24 -16.17
C ARG A 657 -5.47 21.64 -16.83
N GLU A 658 -4.58 22.24 -16.04
CA GLU A 658 -3.26 22.59 -16.55
C GLU A 658 -2.49 21.36 -17.03
N PHE A 659 -2.51 20.30 -16.24
CA PHE A 659 -1.76 19.09 -16.54
C PHE A 659 -2.20 18.46 -17.86
N ASP A 660 -3.50 18.43 -18.09
CA ASP A 660 -4.05 17.83 -19.31
C ASP A 660 -3.65 18.63 -20.55
N ASP A 661 -3.51 19.95 -20.39
CA ASP A 661 -3.25 20.85 -21.50
C ASP A 661 -1.79 20.85 -21.94
N LEU A 662 -0.99 20.00 -21.31
CA LEU A 662 0.40 19.85 -21.72
C LEU A 662 0.52 18.67 -22.67
N PRO A 663 1.42 18.78 -23.65
CA PRO A 663 1.73 17.59 -24.46
C PRO A 663 2.41 16.55 -23.58
N LEU A 664 2.36 15.29 -23.98
CA LEU A 664 2.75 14.17 -23.12
C LEU A 664 4.17 14.31 -22.58
N ALA A 665 5.07 14.82 -23.43
CA ALA A 665 6.47 15.02 -23.05
C ALA A 665 6.58 15.93 -21.82
N GLU A 666 5.84 17.02 -21.85
CA GLU A 666 5.93 18.01 -20.78
C GLU A 666 5.07 17.64 -19.57
N GLN A 667 4.19 16.65 -19.73
CA GLN A 667 3.49 16.08 -18.58
C GLN A 667 4.50 15.30 -17.75
N ARG A 668 5.42 14.64 -18.45
CA ARG A 668 6.41 13.79 -17.80
C ARG A 668 7.40 14.63 -17.01
N GLU A 669 7.89 15.69 -17.62
CA GLU A 669 8.86 16.56 -16.97
C GLU A 669 8.21 17.19 -15.75
N ALA A 670 6.92 17.44 -15.83
CA ALA A 670 6.19 18.03 -14.73
C ALA A 670 6.16 17.09 -13.53
N CYS A 671 6.14 15.80 -13.78
CA CYS A 671 6.05 14.85 -12.69
C CYS A 671 7.39 14.67 -12.00
N ARG A 672 8.47 15.08 -12.67
CA ARG A 672 9.80 14.97 -12.11
C ARG A 672 9.96 15.84 -10.86
N ARG A 673 9.26 16.98 -10.84
CA ARG A 673 9.48 18.01 -9.82
C ARG A 673 8.23 18.43 -9.07
N ALA A 674 7.06 18.13 -9.62
CA ALA A 674 5.78 18.50 -9.02
C ALA A 674 5.64 18.00 -7.60
N CYS A 675 5.11 18.84 -6.73
CA CYS A 675 4.85 18.44 -5.36
C CYS A 675 3.43 18.71 -4.94
N CYS A 676 2.63 19.20 -5.88
CA CYS A 676 1.28 19.59 -5.57
C CYS A 676 0.40 19.45 -6.80
N PHE A 677 -0.58 18.55 -6.73
CA PHE A 677 -1.62 18.53 -7.76
C PHE A 677 -2.97 18.89 -7.16
N ALA A 678 -3.59 19.92 -7.72
CA ALA A 678 -4.91 20.40 -7.28
C ALA A 678 -6.01 20.09 -8.32
N ARG A 679 -7.16 19.63 -7.84
CA ARG A 679 -8.33 19.36 -8.68
C ARG A 679 -7.99 18.45 -9.85
N VAL A 680 -7.66 17.21 -9.51
CA VAL A 680 -7.29 16.19 -10.47
C VAL A 680 -8.43 15.21 -10.72
N GLU A 681 -8.27 14.39 -11.75
CA GLU A 681 -9.17 13.27 -12.01
C GLU A 681 -8.47 11.95 -11.63
N PRO A 682 -9.24 10.94 -11.13
CA PRO A 682 -8.68 9.60 -10.88
C PRO A 682 -7.81 9.08 -12.04
N SER A 683 -8.22 9.41 -13.27
CA SER A 683 -7.36 9.31 -14.44
C SER A 683 -5.90 9.73 -14.15
N HIS A 684 -5.73 10.89 -13.51
CA HIS A 684 -4.43 11.51 -13.32
C HIS A 684 -3.50 10.78 -12.36
N LYS A 685 -4.06 10.20 -11.29
CA LYS A 685 -3.28 9.43 -10.32
C LYS A 685 -2.48 8.32 -11.04
N SER A 686 -3.14 7.59 -11.93
CA SER A 686 -2.50 6.53 -12.69
C SER A 686 -1.45 7.09 -13.62
N LYS A 687 -1.77 8.19 -14.31
CA LYS A 687 -0.82 8.80 -15.23
C LYS A 687 0.43 9.28 -14.49
N ILE A 688 0.21 9.88 -13.32
CA ILE A 688 1.29 10.42 -12.51
C ILE A 688 2.25 9.31 -12.07
N VAL A 689 1.67 8.19 -11.64
CA VAL A 689 2.47 7.03 -11.28
C VAL A 689 3.33 6.57 -12.44
N GLU A 690 2.70 6.41 -13.61
CA GLU A 690 3.42 5.96 -14.80
C GLU A 690 4.63 6.84 -15.10
N TYR A 691 4.40 8.14 -15.08
CA TYR A 691 5.44 9.14 -15.31
C TYR A 691 6.58 9.03 -14.30
N LEU A 692 6.22 8.93 -13.03
CA LEU A 692 7.21 8.73 -11.97
C LEU A 692 8.01 7.43 -12.17
N GLN A 693 7.37 6.39 -12.69
CA GLN A 693 8.07 5.15 -12.98
C GLN A 693 9.00 5.30 -14.17
N SER A 694 8.73 6.30 -15.02
CA SER A 694 9.62 6.56 -16.15
C SER A 694 10.91 7.22 -15.67
N TYR A 695 10.91 7.68 -14.42
CA TYR A 695 12.15 8.15 -13.79
C TYR A 695 12.62 7.11 -12.78
N ASP A 696 12.16 5.88 -12.93
CA ASP A 696 12.54 4.79 -12.06
C ASP A 696 12.37 5.15 -10.58
N GLU A 697 11.30 5.88 -10.29
CA GLU A 697 10.92 6.19 -8.92
C GLU A 697 10.21 5.03 -8.24
N ILE A 698 10.28 4.99 -6.91
CA ILE A 698 9.55 4.01 -6.13
C ILE A 698 8.41 4.74 -5.47
N THR A 699 7.20 4.54 -6.00
CA THR A 699 6.11 5.43 -5.68
C THR A 699 5.07 4.82 -4.75
N ALA A 700 4.91 5.47 -3.61
CA ALA A 700 3.78 5.20 -2.74
C ALA A 700 2.70 6.18 -3.15
N MET A 701 1.45 5.75 -3.03
CA MET A 701 0.31 6.51 -3.50
C MET A 701 -0.93 6.15 -2.68
N THR A 702 -1.64 7.15 -2.17
CA THR A 702 -2.84 6.85 -1.38
C THR A 702 -4.14 6.78 -2.17
N GLY A 703 -5.16 6.16 -1.57
CA GLY A 703 -6.46 6.02 -2.22
C GLY A 703 -7.45 5.39 -1.25
N ASP A 704 -8.74 5.40 -1.58
CA ASP A 704 -9.75 4.84 -0.69
C ASP A 704 -11.05 4.36 -1.36
N GLY A 705 -11.33 4.84 -2.57
CA GLY A 705 -12.53 4.39 -3.26
C GLY A 705 -12.16 3.38 -4.31
N VAL A 706 -13.14 2.71 -4.91
CA VAL A 706 -12.82 1.77 -5.98
C VAL A 706 -12.29 2.52 -7.22
N ASN A 707 -12.58 3.80 -7.31
CA ASN A 707 -12.01 4.61 -8.37
C ASN A 707 -10.52 4.85 -8.16
N ASP A 708 -10.05 4.71 -6.92
CA ASP A 708 -8.61 4.77 -6.66
C ASP A 708 -7.90 3.45 -6.94
N ALA A 709 -8.66 2.36 -7.06
CA ALA A 709 -8.10 1.02 -7.13
C ALA A 709 -7.05 0.85 -8.24
N PRO A 710 -7.29 1.41 -9.44
CA PRO A 710 -6.24 1.19 -10.45
C PRO A 710 -4.93 1.87 -10.10
N ALA A 711 -4.95 3.10 -9.60
CA ALA A 711 -3.70 3.76 -9.21
C ALA A 711 -2.98 3.01 -8.08
N LEU A 712 -3.75 2.48 -7.14
CA LEU A 712 -3.21 1.70 -6.03
C LEU A 712 -2.52 0.44 -6.54
N LYS A 713 -3.21 -0.25 -7.45
CA LYS A 713 -2.65 -1.44 -8.05
C LYS A 713 -1.32 -1.08 -8.74
N LYS A 714 -1.30 0.05 -9.43
CA LYS A 714 -0.15 0.41 -10.26
C LYS A 714 1.05 0.96 -9.48
N ALA A 715 0.81 1.68 -8.39
CA ALA A 715 1.91 2.24 -7.63
C ALA A 715 2.79 1.11 -7.04
N GLU A 716 4.05 1.39 -6.74
CA GLU A 716 4.92 0.32 -6.17
C GLU A 716 4.38 -0.06 -4.79
N ILE A 717 3.88 0.94 -4.05
CA ILE A 717 3.17 0.72 -2.81
C ILE A 717 1.85 1.46 -2.82
N GLY A 718 0.75 0.73 -3.00
CA GLY A 718 -0.55 1.35 -2.89
C GLY A 718 -0.91 1.37 -1.42
N ILE A 719 -1.42 2.52 -0.97
CA ILE A 719 -1.69 2.73 0.43
C ILE A 719 -3.14 3.12 0.60
N ALA A 720 -3.88 2.28 1.32
CA ALA A 720 -5.31 2.49 1.49
C ALA A 720 -5.64 3.01 2.91
N MET A 721 -6.78 3.68 3.00
CA MET A 721 -7.30 4.20 4.26
C MET A 721 -8.06 3.14 5.05
N GLY A 722 -7.85 3.08 6.36
CA GLY A 722 -8.56 2.13 7.20
C GLY A 722 -10.07 2.33 7.12
N SER A 723 -10.48 3.56 6.79
CA SER A 723 -11.89 3.91 6.72
C SER A 723 -12.40 3.82 5.29
N GLY A 724 -11.54 3.39 4.38
CA GLY A 724 -11.88 3.33 2.98
C GLY A 724 -12.62 2.06 2.58
N THR A 725 -12.79 1.85 1.29
CA THR A 725 -13.50 0.68 0.81
C THR A 725 -12.64 -0.57 0.98
N ALA A 726 -13.31 -1.70 1.15
CA ALA A 726 -12.67 -3.00 1.11
C ALA A 726 -11.90 -3.20 -0.20
N VAL A 727 -12.49 -2.74 -1.30
CA VAL A 727 -11.85 -2.88 -2.60
C VAL A 727 -10.52 -2.11 -2.64
N ALA A 728 -10.49 -0.88 -2.14
CA ALA A 728 -9.23 -0.16 -2.10
C ALA A 728 -8.19 -0.87 -1.23
N LYS A 729 -8.64 -1.41 -0.10
CA LYS A 729 -7.72 -2.12 0.78
C LYS A 729 -7.12 -3.33 0.07
N THR A 730 -7.95 -4.10 -0.62
CA THR A 730 -7.46 -5.31 -1.24
C THR A 730 -6.52 -4.99 -2.40
N ALA A 731 -6.62 -3.78 -2.94
CA ALA A 731 -5.72 -3.35 -4.01
C ALA A 731 -4.44 -2.75 -3.44
N SER A 732 -4.37 -2.64 -2.12
CA SER A 732 -3.21 -2.00 -1.51
C SER A 732 -2.22 -2.98 -0.84
N GLU A 733 -0.96 -2.60 -0.90
CA GLU A 733 0.10 -3.27 -0.14
C GLU A 733 -0.04 -2.98 1.34
N MET A 734 -0.64 -1.83 1.67
CA MET A 734 -0.71 -1.40 3.07
C MET A 734 -1.98 -0.57 3.38
N VAL A 735 -2.54 -0.77 4.57
CA VAL A 735 -3.69 -0.01 5.03
C VAL A 735 -3.31 0.86 6.22
N LEU A 736 -3.77 2.11 6.23
CA LEU A 736 -3.47 3.00 7.35
C LEU A 736 -4.59 2.96 8.37
N ALA A 737 -4.36 2.26 9.48
CA ALA A 737 -5.42 2.06 10.46
C ALA A 737 -6.04 3.36 10.92
N ASP A 738 -5.27 4.44 10.89
CA ASP A 738 -5.72 5.75 11.37
C ASP A 738 -5.80 6.82 10.27
N ASP A 739 -5.61 6.41 9.02
CA ASP A 739 -5.69 7.30 7.85
C ASP A 739 -4.57 8.35 7.80
N ASN A 740 -3.71 8.37 8.79
CA ASN A 740 -2.73 9.43 9.00
C ASN A 740 -1.48 9.33 8.11
N PHE A 741 -1.15 10.42 7.42
CA PHE A 741 0.04 10.47 6.55
C PHE A 741 1.31 10.11 7.31
N SER A 742 1.37 10.51 8.57
CA SER A 742 2.60 10.32 9.33
C SER A 742 2.79 8.83 9.62
N THR A 743 1.73 8.05 9.45
CA THR A 743 1.82 6.59 9.57
C THR A 743 2.58 6.03 8.37
N ILE A 744 2.45 6.66 7.22
CA ILE A 744 3.24 6.24 6.05
C ILE A 744 4.72 6.36 6.35
N VAL A 745 5.10 7.51 6.89
CA VAL A 745 6.49 7.86 7.08
C VAL A 745 7.12 6.94 8.14
N ALA A 746 6.36 6.62 9.18
CA ALA A 746 6.84 5.73 10.22
C ALA A 746 6.99 4.31 9.67
N ALA A 747 6.18 3.96 8.67
CA ALA A 747 6.27 2.63 8.05
C ALA A 747 7.45 2.59 7.09
N VAL A 748 7.77 3.71 6.45
CA VAL A 748 8.95 3.74 5.60
C VAL A 748 10.20 3.55 6.46
N GLU A 749 10.19 4.11 7.66
CA GLU A 749 11.31 3.96 8.57
C GLU A 749 11.53 2.50 8.96
N GLU A 750 10.45 1.82 9.35
CA GLU A 750 10.53 0.40 9.70
C GLU A 750 11.06 -0.40 8.53
N GLY A 751 10.49 -0.14 7.36
CA GLY A 751 10.90 -0.81 6.13
C GLY A 751 12.39 -0.72 5.88
N ARG A 752 12.98 0.41 6.25
CA ARG A 752 14.41 0.58 6.10
C ARG A 752 15.16 -0.21 7.17
N ALA A 753 14.67 -0.13 8.41
CA ALA A 753 15.27 -0.84 9.53
C ALA A 753 15.25 -2.34 9.26
N ILE A 754 14.08 -2.82 8.84
CA ILE A 754 13.91 -4.23 8.49
C ILE A 754 14.93 -4.68 7.46
N TYR A 755 14.94 -4.03 6.30
CA TYR A 755 15.83 -4.44 5.24
C TYR A 755 17.30 -4.48 5.64
N ASN A 756 17.73 -3.53 6.47
CA ASN A 756 19.12 -3.50 6.91
C ASN A 756 19.53 -4.76 7.68
N ASN A 757 18.62 -5.20 8.53
CA ASN A 757 18.76 -6.43 9.26
C ASN A 757 18.60 -7.65 8.36
N MET A 758 17.75 -7.54 7.35
CA MET A 758 17.64 -8.59 6.34
C MET A 758 18.94 -8.72 5.58
N LYS A 759 19.51 -7.59 5.16
CA LYS A 759 20.82 -7.56 4.51
C LYS A 759 21.82 -8.47 5.20
N GLN A 760 21.85 -8.36 6.52
CA GLN A 760 22.86 -9.06 7.30
C GLN A 760 22.64 -10.56 7.39
N PHE A 761 21.41 -11.02 7.57
CA PHE A 761 21.26 -12.45 7.69
C PHE A 761 21.18 -13.08 6.30
N ILE A 762 20.98 -12.28 5.27
CA ILE A 762 21.07 -12.82 3.93
C ILE A 762 22.53 -12.98 3.56
N ARG A 763 23.32 -11.98 3.92
CA ARG A 763 24.74 -11.99 3.62
C ARG A 763 25.40 -13.15 4.37
N TYR A 764 24.87 -13.41 5.55
CA TYR A 764 25.44 -14.38 6.44
C TYR A 764 25.15 -15.80 5.97
N LEU A 765 23.88 -16.14 5.78
CA LEU A 765 23.53 -17.47 5.32
C LEU A 765 24.20 -17.82 4.00
N ILE A 766 24.18 -16.88 3.06
CA ILE A 766 24.74 -17.17 1.74
C ILE A 766 26.26 -17.34 1.82
N SER A 767 26.91 -16.59 2.69
CA SER A 767 28.36 -16.70 2.80
C SER A 767 28.72 -18.06 3.40
N SER A 768 27.81 -18.61 4.20
CA SER A 768 28.04 -19.93 4.75
C SER A 768 27.95 -20.98 3.66
N ASN A 769 27.02 -20.78 2.73
CA ASN A 769 26.85 -21.70 1.62
C ASN A 769 28.06 -21.66 0.72
N VAL A 770 28.64 -20.46 0.56
CA VAL A 770 29.91 -20.33 -0.16
C VAL A 770 30.88 -21.30 0.47
N GLY A 771 31.01 -21.20 1.78
CA GLY A 771 31.93 -22.02 2.54
C GLY A 771 31.74 -23.51 2.34
N GLU A 772 30.51 -23.98 2.55
CA GLU A 772 30.17 -25.38 2.39
C GLU A 772 30.58 -25.91 1.02
N VAL A 773 30.31 -25.13 -0.01
CA VAL A 773 30.66 -25.47 -1.38
C VAL A 773 32.17 -25.64 -1.54
N VAL A 774 32.93 -24.89 -0.76
CA VAL A 774 34.38 -25.06 -0.73
C VAL A 774 34.78 -26.43 -0.18
N CYS A 775 34.23 -26.76 0.99
CA CYS A 775 34.49 -28.05 1.64
C CYS A 775 34.16 -29.22 0.71
N ILE A 776 32.96 -29.23 0.15
CA ILE A 776 32.54 -30.28 -0.78
C ILE A 776 33.46 -30.33 -1.98
N PHE A 777 33.95 -29.16 -2.38
CA PHE A 777 34.84 -29.09 -3.53
C PHE A 777 36.16 -29.76 -3.22
N LEU A 778 36.73 -29.44 -2.06
CA LEU A 778 38.01 -30.03 -1.68
C LEU A 778 37.90 -31.55 -1.50
N THR A 779 36.79 -32.00 -0.91
CA THR A 779 36.53 -33.42 -0.75
C THR A 779 36.69 -34.16 -2.06
N ALA A 780 36.07 -33.64 -3.11
CA ALA A 780 36.10 -34.30 -4.41
C ALA A 780 37.40 -34.02 -5.16
N ALA A 781 37.91 -32.79 -5.05
CA ALA A 781 39.11 -32.39 -5.78
C ALA A 781 40.33 -33.19 -5.36
N LEU A 782 40.37 -33.55 -4.08
CA LEU A 782 41.52 -34.26 -3.53
C LEU A 782 41.26 -35.76 -3.49
N GLY A 783 40.01 -36.12 -3.24
CA GLY A 783 39.61 -37.52 -3.17
C GLY A 783 39.57 -38.04 -1.76
N LEU A 784 39.04 -37.24 -0.84
CA LEU A 784 38.95 -37.65 0.55
C LEU A 784 37.58 -38.25 0.87
N PRO A 785 37.50 -39.02 1.96
CA PRO A 785 36.19 -39.40 2.50
C PRO A 785 35.37 -38.15 2.77
N GLU A 786 34.06 -38.23 2.56
CA GLU A 786 33.18 -37.08 2.71
C GLU A 786 33.36 -36.42 4.07
N ALA A 787 33.94 -35.22 4.05
CA ALA A 787 34.07 -34.42 5.26
C ALA A 787 32.69 -33.97 5.75
N LEU A 788 31.80 -33.61 4.82
CA LEU A 788 30.44 -33.28 5.20
C LEU A 788 29.41 -33.99 4.33
N ILE A 789 28.34 -34.43 4.97
CA ILE A 789 27.23 -35.13 4.31
C ILE A 789 25.99 -34.20 4.20
N PRO A 790 25.22 -34.34 3.10
CA PRO A 790 23.97 -33.59 2.91
C PRO A 790 23.05 -33.60 4.13
N VAL A 791 22.86 -34.76 4.74
CA VAL A 791 22.11 -34.87 5.99
C VAL A 791 22.58 -33.84 7.02
N GLN A 792 23.90 -33.69 7.12
CA GLN A 792 24.50 -32.76 8.05
C GLN A 792 24.33 -31.31 7.56
N LEU A 793 24.64 -31.09 6.29
CA LEU A 793 24.66 -29.76 5.74
C LEU A 793 23.27 -29.14 5.78
N LEU A 794 22.25 -29.94 5.49
CA LEU A 794 20.86 -29.51 5.64
C LEU A 794 20.57 -29.05 7.06
N TRP A 795 20.95 -29.85 8.05
CA TRP A 795 20.74 -29.48 9.45
C TRP A 795 21.36 -28.14 9.78
N VAL A 796 22.56 -27.90 9.28
CA VAL A 796 23.27 -26.66 9.52
C VAL A 796 22.51 -25.46 8.93
N ASN A 797 22.06 -25.63 7.69
CA ASN A 797 21.45 -24.57 6.90
C ASN A 797 20.02 -24.22 7.32
N LEU A 798 19.28 -25.19 7.83
CA LEU A 798 17.92 -24.95 8.28
C LEU A 798 17.90 -24.51 9.73
N VAL A 799 18.70 -25.18 10.57
CA VAL A 799 18.59 -25.00 12.01
C VAL A 799 19.71 -24.17 12.66
N THR A 800 20.94 -24.68 12.64
CA THR A 800 21.98 -24.09 13.48
C THR A 800 22.37 -22.68 13.02
N ASP A 801 22.26 -22.41 11.73
CA ASP A 801 22.53 -21.07 11.21
C ASP A 801 21.25 -20.24 11.11
N GLY A 802 20.10 -20.91 11.22
CA GLY A 802 18.82 -20.24 11.04
C GLY A 802 18.40 -19.38 12.22
N LEU A 803 18.86 -19.75 13.40
CA LEU A 803 18.56 -19.01 14.61
C LEU A 803 19.36 -17.71 14.74
N PRO A 804 20.68 -17.74 14.48
CA PRO A 804 21.38 -16.45 14.51
C PRO A 804 20.94 -15.60 13.33
N ALA A 805 20.46 -16.24 12.27
CA ALA A 805 19.98 -15.53 11.12
C ALA A 805 18.80 -14.67 11.55
N THR A 806 17.81 -15.30 12.17
CA THR A 806 16.63 -14.58 12.62
C THR A 806 16.99 -13.62 13.75
N ALA A 807 18.02 -13.96 14.52
CA ALA A 807 18.47 -13.06 15.57
C ALA A 807 19.03 -11.77 14.98
N LEU A 808 19.71 -11.88 13.84
CA LEU A 808 20.26 -10.69 13.18
C LEU A 808 19.13 -9.84 12.62
N GLY A 809 17.94 -10.43 12.56
CA GLY A 809 16.76 -9.70 12.19
C GLY A 809 16.48 -8.65 13.24
N PHE A 810 16.99 -8.87 14.45
CA PHE A 810 16.80 -7.94 15.57
C PHE A 810 18.04 -7.10 15.88
N ASN A 811 18.88 -6.89 14.87
CA ASN A 811 19.99 -5.95 15.00
C ASN A 811 19.40 -4.57 15.20
N PRO A 812 19.83 -3.87 16.27
CA PRO A 812 19.34 -2.52 16.51
C PRO A 812 19.57 -1.66 15.27
N PRO A 813 18.65 -0.72 15.00
CA PRO A 813 18.73 0.09 13.79
C PRO A 813 19.78 1.19 13.86
N ASP A 814 20.32 1.56 12.70
CA ASP A 814 21.21 2.69 12.57
C ASP A 814 20.45 3.97 12.95
N LEU A 815 21.09 4.84 13.71
CA LEU A 815 20.41 6.02 14.24
C LEU A 815 20.14 7.05 13.15
N ASP A 816 20.97 7.03 12.12
CA ASP A 816 20.86 7.96 11.01
C ASP A 816 20.05 7.39 9.85
N ILE A 817 19.14 6.46 10.16
CA ILE A 817 18.55 5.67 9.09
C ILE A 817 17.54 6.47 8.27
N MET A 818 17.09 7.62 8.78
CA MET A 818 16.25 8.51 7.99
C MET A 818 16.99 9.77 7.57
N ASP A 819 18.31 9.76 7.74
CA ASP A 819 19.13 10.85 7.27
C ASP A 819 19.89 10.46 6.00
N ARG A 820 19.56 9.29 5.46
CA ARG A 820 20.17 8.83 4.21
C ARG A 820 19.12 8.82 3.09
N PRO A 821 19.57 9.03 1.84
CA PRO A 821 18.68 8.98 0.68
C PRO A 821 18.04 7.59 0.50
N PRO A 822 16.94 7.49 -0.26
CA PRO A 822 16.36 6.16 -0.44
C PRO A 822 17.37 5.19 -1.06
N ARG A 823 17.38 3.95 -0.63
CA ARG A 823 18.30 2.96 -1.19
C ARG A 823 17.96 2.63 -2.64
N SER A 824 18.97 2.65 -3.50
CA SER A 824 18.79 2.22 -4.89
C SER A 824 18.29 0.78 -4.96
N PRO A 825 17.27 0.52 -5.79
CA PRO A 825 16.69 -0.82 -5.86
C PRO A 825 17.68 -1.78 -6.53
N LYS A 826 18.67 -1.20 -7.21
CA LYS A 826 19.67 -1.98 -7.94
C LYS A 826 20.93 -2.21 -7.12
N GLU A 827 20.86 -1.88 -5.83
CA GLU A 827 21.98 -2.09 -4.91
C GLU A 827 22.19 -3.58 -4.69
N PRO A 828 23.34 -4.10 -5.16
CA PRO A 828 23.67 -5.50 -4.89
C PRO A 828 23.86 -5.73 -3.40
N LEU A 829 23.38 -6.86 -2.91
CA LEU A 829 23.58 -7.21 -1.51
C LEU A 829 25.07 -7.47 -1.22
N ILE A 830 25.75 -8.09 -2.18
CA ILE A 830 27.17 -8.39 -2.07
C ILE A 830 27.90 -8.10 -3.37
N SER A 831 28.92 -7.24 -3.32
CA SER A 831 29.63 -6.83 -4.52
C SER A 831 30.95 -6.19 -4.19
N GLY A 832 31.74 -5.93 -5.22
CA GLY A 832 32.98 -5.19 -5.08
C GLY A 832 33.83 -5.73 -3.95
N TRP A 833 34.07 -4.90 -2.95
CA TRP A 833 34.91 -5.28 -1.82
C TRP A 833 34.31 -6.36 -0.93
N LEU A 834 33.01 -6.30 -0.71
CA LEU A 834 32.37 -7.25 0.20
C LEU A 834 32.44 -8.64 -0.40
N PHE A 835 32.35 -8.71 -1.73
CA PHE A 835 32.49 -9.96 -2.47
C PHE A 835 33.80 -10.64 -2.12
N PHE A 836 34.87 -9.85 -2.05
CA PHE A 836 36.18 -10.35 -1.71
C PHE A 836 36.25 -10.90 -0.28
N ARG A 837 35.61 -10.18 0.64
CA ARG A 837 35.54 -10.58 2.04
C ARG A 837 34.95 -11.97 2.23
N TYR A 838 33.83 -12.25 1.56
CA TYR A 838 33.16 -13.54 1.70
C TYR A 838 33.83 -14.56 0.80
N MET A 839 34.59 -14.07 -0.15
CA MET A 839 35.37 -14.92 -1.00
C MET A 839 36.46 -15.54 -0.12
N ALA A 840 36.98 -14.73 0.80
CA ALA A 840 38.05 -15.16 1.69
C ALA A 840 37.55 -16.01 2.85
N ILE A 841 36.44 -15.61 3.45
CA ILE A 841 35.91 -16.34 4.58
C ILE A 841 35.45 -17.72 4.15
N GLY A 842 34.85 -17.80 2.97
CA GLY A 842 34.38 -19.07 2.44
C GLY A 842 35.55 -20.01 2.21
N GLY A 843 36.61 -19.47 1.60
CA GLY A 843 37.82 -20.23 1.38
C GLY A 843 38.36 -20.79 2.68
N TYR A 844 38.16 -20.04 3.76
CA TYR A 844 38.59 -20.49 5.08
C TYR A 844 37.80 -21.69 5.57
N VAL A 845 36.48 -21.55 5.72
CA VAL A 845 35.71 -22.60 6.40
C VAL A 845 35.71 -23.93 5.65
N GLY A 846 35.87 -23.88 4.32
CA GLY A 846 35.84 -25.08 3.51
C GLY A 846 37.14 -25.84 3.68
N ALA A 847 38.12 -25.14 4.24
CA ALA A 847 39.42 -25.69 4.51
C ALA A 847 39.46 -26.18 5.95
N ALA A 848 38.79 -25.45 6.83
CA ALA A 848 38.71 -25.82 8.23
C ALA A 848 37.98 -27.15 8.42
N THR A 849 36.88 -27.31 7.69
CA THR A 849 36.05 -28.49 7.84
C THR A 849 36.71 -29.75 7.27
N VAL A 850 37.26 -29.64 6.07
CA VAL A 850 37.99 -30.74 5.45
C VAL A 850 39.22 -31.07 6.28
N GLY A 851 39.84 -30.03 6.84
CA GLY A 851 41.03 -30.19 7.66
C GLY A 851 40.85 -31.06 8.90
N ALA A 852 39.89 -30.71 9.75
CA ALA A 852 39.66 -31.44 11.00
C ALA A 852 39.29 -32.89 10.72
N ALA A 853 38.45 -33.10 9.71
CA ALA A 853 38.13 -34.45 9.25
C ALA A 853 39.41 -35.20 8.88
N ALA A 854 40.27 -34.55 8.09
CA ALA A 854 41.52 -35.15 7.64
C ALA A 854 42.55 -35.20 8.76
N TRP A 855 42.52 -34.21 9.63
CA TRP A 855 43.40 -34.19 10.79
C TRP A 855 43.12 -35.40 11.69
N TRP A 856 41.90 -35.93 11.58
CA TRP A 856 41.54 -37.15 12.28
C TRP A 856 42.10 -38.35 11.52
N PHE A 857 42.25 -38.20 10.19
CA PHE A 857 42.89 -39.20 9.34
C PHE A 857 44.42 -39.05 9.32
N MET A 858 44.90 -37.90 8.86
CA MET A 858 46.33 -37.60 8.85
C MET A 858 46.74 -36.80 10.08
N TYR A 859 48.00 -36.93 10.49
CA TYR A 859 48.48 -36.33 11.74
C TYR A 859 47.54 -36.69 12.89
N ALA A 860 47.26 -37.99 13.03
CA ALA A 860 46.19 -38.45 13.91
C ALA A 860 46.67 -38.95 15.27
N GLU A 861 45.82 -38.71 16.27
CA GLU A 861 46.03 -39.23 17.61
C GLU A 861 45.29 -40.55 17.78
N ASP A 862 44.01 -40.55 17.39
CA ASP A 862 43.16 -41.73 17.50
C ASP A 862 42.78 -42.28 16.12
N GLY A 863 43.29 -41.66 15.06
CA GLY A 863 43.00 -42.11 13.71
C GLY A 863 44.10 -43.02 13.18
N PRO A 864 44.09 -43.27 11.86
CA PRO A 864 45.11 -44.11 11.20
C PRO A 864 46.51 -43.55 11.38
N GLY A 865 46.61 -42.28 11.74
CA GLY A 865 47.87 -41.66 12.12
C GLY A 865 48.82 -41.48 10.97
N VAL A 866 48.30 -41.57 9.75
CA VAL A 866 49.11 -41.49 8.55
C VAL A 866 49.66 -40.06 8.40
N THR A 867 50.98 -39.92 8.30
CA THR A 867 51.61 -38.60 8.42
C THR A 867 51.46 -37.70 7.18
N TYR A 868 51.85 -38.21 6.03
CA TYR A 868 51.64 -37.50 4.76
C TYR A 868 51.41 -38.52 3.66
N HIS A 869 50.40 -39.35 3.86
CA HIS A 869 50.14 -40.49 3.01
C HIS A 869 49.02 -40.21 2.02
N GLN A 870 48.82 -41.12 1.07
CA GLN A 870 47.83 -40.94 0.02
C GLN A 870 46.49 -41.55 0.41
N LEU A 871 45.95 -41.06 1.53
CA LEU A 871 44.61 -41.44 1.98
C LEU A 871 43.59 -40.66 1.15
N THR A 872 44.04 -40.24 -0.02
CA THR A 872 43.19 -39.72 -1.07
C THR A 872 42.72 -40.89 -1.92
N HIS A 873 43.36 -42.04 -1.73
CA HIS A 873 43.05 -43.25 -2.47
C HIS A 873 42.24 -44.21 -1.63
N PHE A 874 41.59 -43.69 -0.61
CA PHE A 874 40.82 -44.50 0.34
C PHE A 874 39.85 -45.47 -0.32
N MET A 875 39.33 -45.11 -1.49
CA MET A 875 38.35 -45.96 -2.16
C MET A 875 38.96 -47.30 -2.52
N GLN A 876 40.19 -47.28 -3.02
CA GLN A 876 40.89 -48.50 -3.43
C GLN A 876 41.72 -49.07 -2.28
N CYS A 877 41.06 -49.36 -1.18
CA CYS A 877 41.73 -49.95 -0.04
C CYS A 877 41.16 -51.34 0.21
N THR A 878 40.13 -51.69 -0.55
CA THR A 878 39.47 -52.99 -0.44
C THR A 878 40.33 -54.15 -0.98
N GLU A 879 40.86 -53.97 -2.18
CA GLU A 879 41.66 -55.01 -2.83
C GLU A 879 43.15 -54.70 -2.70
N ASP A 880 43.46 -53.43 -2.43
CA ASP A 880 44.83 -52.94 -2.41
C ASP A 880 45.37 -52.83 -0.98
N HIS A 881 44.76 -53.56 -0.05
CA HIS A 881 45.25 -53.57 1.32
C HIS A 881 46.45 -54.53 1.51
N PRO A 882 46.48 -55.70 0.82
CA PRO A 882 47.76 -56.39 0.98
C PRO A 882 48.86 -55.72 0.14
N HIS A 883 48.49 -54.65 -0.56
CA HIS A 883 49.40 -53.87 -1.38
C HIS A 883 50.06 -52.74 -0.59
N PHE A 884 49.26 -52.00 0.16
CA PHE A 884 49.75 -50.78 0.80
C PHE A 884 49.52 -50.75 2.31
N GLU A 885 48.28 -50.93 2.73
CA GLU A 885 47.91 -50.81 4.14
C GLU A 885 48.11 -52.08 4.97
N GLY A 886 48.66 -51.92 6.16
CA GLY A 886 48.65 -52.99 7.14
C GLY A 886 47.48 -52.72 8.06
N LEU A 887 46.79 -51.62 7.76
CA LEU A 887 45.72 -51.10 8.59
C LEU A 887 44.35 -51.34 7.93
N ASP A 888 43.28 -51.00 8.66
CA ASP A 888 41.91 -51.31 8.27
C ASP A 888 41.42 -50.41 7.14
N CYS A 889 40.11 -50.46 6.84
CA CYS A 889 39.56 -49.71 5.72
C CYS A 889 38.17 -49.11 5.96
N GLU A 890 37.44 -49.62 6.95
CA GLU A 890 36.12 -49.05 7.25
C GLU A 890 36.32 -47.80 8.10
N ILE A 891 37.57 -47.55 8.46
CA ILE A 891 37.99 -46.33 9.16
C ILE A 891 37.72 -45.09 8.29
N PHE A 892 37.53 -45.33 6.99
CA PHE A 892 37.26 -44.26 6.03
C PHE A 892 35.77 -43.93 5.93
N GLU A 893 34.93 -44.68 6.63
CA GLU A 893 33.51 -44.38 6.70
C GLU A 893 33.18 -44.00 8.13
N ALA A 894 34.22 -43.77 8.93
CA ALA A 894 34.09 -43.46 10.35
C ALA A 894 33.32 -42.15 10.56
N PRO A 895 32.51 -42.11 11.65
CA PRO A 895 31.76 -40.90 11.99
C PRO A 895 32.68 -39.76 12.41
N GLU A 896 33.56 -40.02 13.36
CA GLU A 896 34.43 -39.02 13.98
C GLU A 896 35.10 -38.01 13.04
N PRO A 897 35.55 -38.45 11.85
CA PRO A 897 36.03 -37.38 10.95
C PRO A 897 34.90 -36.45 10.47
N MET A 898 33.75 -37.01 10.15
CA MET A 898 32.60 -36.21 9.73
C MET A 898 32.13 -35.27 10.84
N THR A 899 32.25 -35.71 12.09
CA THR A 899 31.79 -34.86 13.18
C THR A 899 32.88 -33.93 13.70
N MET A 900 34.12 -34.14 13.29
CA MET A 900 35.13 -33.08 13.46
C MET A 900 34.81 -31.93 12.50
N ALA A 901 34.45 -32.30 11.28
CA ALA A 901 34.11 -31.35 10.24
C ALA A 901 32.80 -30.61 10.56
N LEU A 902 31.81 -31.37 11.01
CA LEU A 902 30.50 -30.82 11.30
C LEU A 902 30.54 -29.93 12.52
N SER A 903 31.54 -30.13 13.37
CA SER A 903 31.65 -29.36 14.59
C SER A 903 32.40 -28.06 14.36
N VAL A 904 33.39 -28.11 13.47
CA VAL A 904 34.11 -26.89 13.13
C VAL A 904 33.23 -26.02 12.23
N LEU A 905 32.35 -26.65 11.44
CA LEU A 905 31.43 -25.85 10.63
C LEU A 905 30.53 -25.06 11.55
N VAL A 906 29.88 -25.76 12.48
CA VAL A 906 28.94 -25.14 13.41
C VAL A 906 29.60 -24.00 14.18
N THR A 907 30.77 -24.27 14.75
CA THR A 907 31.44 -23.27 15.58
C THR A 907 31.85 -22.06 14.73
N ILE A 908 32.34 -22.29 13.53
CA ILE A 908 32.72 -21.20 12.64
C ILE A 908 31.57 -20.25 12.36
N GLU A 909 30.39 -20.79 12.06
CA GLU A 909 29.28 -19.97 11.65
C GLU A 909 28.73 -19.15 12.81
N MET A 910 28.89 -19.63 14.03
CA MET A 910 28.52 -18.86 15.21
C MET A 910 29.36 -17.60 15.29
N CYS A 911 30.66 -17.75 15.03
CA CYS A 911 31.56 -16.61 15.02
C CYS A 911 31.23 -15.65 13.88
N ASN A 912 30.89 -16.21 12.73
CA ASN A 912 30.67 -15.37 11.56
C ASN A 912 29.33 -14.66 11.65
N ALA A 913 28.46 -15.16 12.53
CA ALA A 913 27.19 -14.51 12.81
C ALA A 913 27.45 -13.17 13.49
N LEU A 914 28.46 -13.16 14.35
CA LEU A 914 28.84 -11.97 15.10
C LEU A 914 29.60 -10.96 14.24
N ASN A 915 30.40 -11.47 13.31
CA ASN A 915 31.02 -10.61 12.31
C ASN A 915 29.95 -9.95 11.46
N SER A 916 28.76 -10.54 11.50
CA SER A 916 27.62 -10.12 10.72
C SER A 916 26.64 -9.24 11.50
N LEU A 917 27.00 -8.90 12.73
CA LEU A 917 26.20 -8.01 13.52
C LEU A 917 26.30 -6.61 12.90
N SER A 918 27.45 -6.36 12.29
CA SER A 918 27.71 -5.11 11.59
C SER A 918 28.57 -5.37 10.37
N GLU A 919 28.27 -4.69 9.27
CA GLU A 919 29.01 -4.88 8.02
C GLU A 919 30.48 -4.50 8.14
N ASN A 920 30.75 -3.37 8.80
CA ASN A 920 32.12 -2.87 8.87
C ASN A 920 32.55 -2.44 10.27
N GLN A 921 31.60 -2.19 11.17
CA GLN A 921 31.96 -1.76 12.53
C GLN A 921 32.53 -2.93 13.31
N SER A 922 33.79 -2.79 13.72
CA SER A 922 34.45 -3.77 14.57
C SER A 922 33.69 -3.96 15.87
N LEU A 923 33.93 -5.08 16.54
CA LEU A 923 33.31 -5.32 17.84
C LEU A 923 34.06 -4.53 18.91
N MET A 924 35.04 -3.74 18.48
CA MET A 924 35.67 -2.70 19.29
C MET A 924 34.66 -1.63 19.69
N ARG A 925 34.04 -1.01 18.69
CA ARG A 925 33.08 0.06 18.94
C ARG A 925 31.65 -0.50 19.01
N MET A 926 31.37 -1.54 18.23
CA MET A 926 30.05 -2.19 18.28
C MET A 926 30.14 -3.62 18.80
N PRO A 927 30.03 -3.78 20.12
CA PRO A 927 30.13 -5.05 20.86
C PRO A 927 29.10 -6.07 20.40
N PRO A 928 29.22 -7.34 20.82
CA PRO A 928 28.23 -8.36 20.50
C PRO A 928 27.03 -8.34 21.43
N TRP A 929 27.15 -7.66 22.56
CA TRP A 929 26.04 -7.55 23.50
C TRP A 929 25.00 -6.55 22.97
N VAL A 930 25.38 -5.81 21.94
CA VAL A 930 24.51 -4.87 21.25
C VAL A 930 23.23 -5.55 20.75
N ASN A 931 23.35 -6.78 20.26
CA ASN A 931 22.16 -7.59 19.99
C ASN A 931 21.92 -8.56 21.14
N ILE A 932 20.89 -8.25 21.92
CA ILE A 932 20.53 -9.05 23.08
C ILE A 932 20.19 -10.49 22.67
N TRP A 933 19.33 -10.62 21.67
CA TRP A 933 18.86 -11.93 21.24
C TRP A 933 19.90 -12.72 20.46
N LEU A 934 20.88 -12.05 19.88
CA LEU A 934 21.82 -12.76 19.01
C LEU A 934 22.71 -13.67 19.82
N LEU A 935 23.29 -13.13 20.89
CA LEU A 935 24.14 -13.93 21.77
C LEU A 935 23.33 -15.10 22.31
N GLY A 936 22.05 -14.85 22.59
CA GLY A 936 21.17 -15.89 23.09
C GLY A 936 20.98 -17.04 22.13
N SER A 937 20.65 -16.72 20.88
CA SER A 937 20.38 -17.74 19.86
C SER A 937 21.59 -18.63 19.59
N ILE A 938 22.79 -18.05 19.62
CA ILE A 938 24.01 -18.79 19.31
C ILE A 938 24.17 -19.96 20.26
N CYS A 939 23.88 -19.73 21.53
CA CYS A 939 24.07 -20.76 22.54
C CYS A 939 23.06 -21.89 22.35
N LEU A 940 21.89 -21.56 21.80
CA LEU A 940 20.87 -22.59 21.57
C LEU A 940 21.26 -23.57 20.45
N SER A 941 21.75 -23.08 19.32
CA SER A 941 22.16 -23.97 18.25
C SER A 941 23.28 -24.92 18.67
N MET A 942 24.16 -24.42 19.54
CA MET A 942 25.27 -25.19 20.06
C MET A 942 24.78 -26.36 20.90
N SER A 943 23.71 -26.14 21.65
CA SER A 943 23.02 -27.22 22.33
C SER A 943 22.63 -28.28 21.32
N LEU A 944 21.91 -27.82 20.29
CA LEU A 944 21.44 -28.67 19.22
C LEU A 944 22.56 -29.46 18.54
N HIS A 945 23.77 -28.91 18.57
CA HIS A 945 24.92 -29.62 18.07
C HIS A 945 25.10 -30.85 18.92
N PHE A 946 25.08 -30.66 20.23
CA PHE A 946 25.30 -31.74 21.19
C PHE A 946 24.18 -32.76 21.16
N LEU A 947 22.99 -32.31 20.79
CA LEU A 947 21.82 -33.16 20.75
C LEU A 947 21.93 -34.23 19.69
N ILE A 948 22.51 -33.89 18.54
CA ILE A 948 22.71 -34.86 17.47
C ILE A 948 24.00 -35.63 17.68
N LEU A 949 24.67 -35.33 18.79
CA LEU A 949 25.91 -35.99 19.17
C LEU A 949 25.71 -36.98 20.31
N TYR A 950 24.61 -36.85 21.04
CA TYR A 950 24.48 -37.51 22.33
C TYR A 950 23.18 -38.29 22.56
N VAL A 951 22.06 -37.81 22.04
CA VAL A 951 20.79 -38.49 22.31
C VAL A 951 20.62 -39.73 21.42
N ASP A 952 20.50 -40.88 22.08
CA ASP A 952 20.64 -42.22 21.47
C ASP A 952 20.15 -42.40 20.01
N PRO A 953 18.98 -41.86 19.65
CA PRO A 953 18.58 -42.05 18.25
C PRO A 953 19.43 -41.31 17.21
N LEU A 954 19.73 -40.04 17.47
CA LEU A 954 20.19 -39.11 16.42
C LEU A 954 21.61 -39.28 15.82
N PRO A 955 22.62 -39.68 16.62
CA PRO A 955 23.97 -39.85 16.04
C PRO A 955 24.07 -40.80 14.84
N MET A 956 23.37 -41.91 14.87
CA MET A 956 23.40 -42.87 13.76
C MET A 956 22.79 -42.25 12.51
N ILE A 957 21.69 -41.53 12.70
CA ILE A 957 21.02 -40.81 11.62
C ILE A 957 21.97 -39.86 10.91
N PHE A 958 22.76 -39.15 11.70
CA PHE A 958 23.65 -38.11 11.20
C PHE A 958 25.07 -38.55 10.90
N LYS A 959 25.37 -39.85 11.06
CA LYS A 959 26.72 -40.35 10.90
C LYS A 959 27.69 -39.53 11.75
N LEU A 960 27.34 -39.36 13.02
CA LEU A 960 28.15 -38.58 13.96
C LEU A 960 28.51 -39.35 15.22
N LYS A 961 29.67 -39.02 15.78
CA LYS A 961 30.09 -39.54 17.09
C LYS A 961 30.77 -38.42 17.89
N ALA A 962 30.33 -38.25 19.14
CA ALA A 962 30.80 -37.17 20.01
C ALA A 962 32.31 -37.16 20.19
N LEU A 963 32.83 -36.06 20.71
CA LEU A 963 34.26 -35.89 20.90
C LEU A 963 34.60 -35.39 22.31
N ASP A 964 35.56 -36.04 22.96
CA ASP A 964 35.79 -35.82 24.39
C ASP A 964 36.39 -34.45 24.70
N LEU A 965 36.70 -34.26 25.98
CA LEU A 965 37.15 -32.97 26.53
C LEU A 965 38.27 -32.29 25.72
N THR A 966 39.02 -33.07 24.94
CA THR A 966 40.20 -32.54 24.25
C THR A 966 39.97 -32.25 22.77
N GLN A 967 39.22 -33.13 22.10
CA GLN A 967 38.97 -32.97 20.66
C GLN A 967 38.22 -31.68 20.32
N TRP A 968 37.65 -31.04 21.33
CA TRP A 968 37.01 -29.75 21.12
C TRP A 968 38.01 -28.63 21.09
N LEU A 969 39.08 -28.76 21.87
CA LEU A 969 40.18 -27.79 21.84
C LEU A 969 40.65 -27.60 20.40
N MET A 970 40.83 -28.70 19.69
CA MET A 970 41.25 -28.63 18.29
C MET A 970 40.14 -27.99 17.44
N VAL A 971 38.90 -28.38 17.69
CA VAL A 971 37.75 -27.78 17.02
C VAL A 971 37.82 -26.28 17.21
N LEU A 972 38.14 -25.84 18.43
CA LEU A 972 38.26 -24.41 18.71
C LEU A 972 39.56 -23.83 18.16
N LYS A 973 40.66 -24.60 18.23
CA LYS A 973 41.91 -24.15 17.62
C LYS A 973 41.61 -23.76 16.17
N ILE A 974 41.07 -24.71 15.42
CA ILE A 974 40.76 -24.50 14.01
C ILE A 974 39.74 -23.39 13.74
N SER A 975 38.59 -23.46 14.40
CA SER A 975 37.43 -22.67 13.99
C SER A 975 37.43 -21.22 14.52
N LEU A 976 37.94 -21.02 15.72
CA LEU A 976 37.94 -19.68 16.35
C LEU A 976 38.61 -18.54 15.58
N PRO A 977 39.74 -18.81 14.88
CA PRO A 977 40.40 -17.70 14.18
C PRO A 977 39.53 -16.86 13.24
N VAL A 978 38.48 -17.44 12.66
CA VAL A 978 37.68 -16.76 11.62
C VAL A 978 37.27 -15.34 12.01
N ILE A 979 37.14 -15.10 13.31
CA ILE A 979 36.83 -13.76 13.80
C ILE A 979 37.94 -12.77 13.45
N GLY A 980 39.18 -13.17 13.70
CA GLY A 980 40.32 -12.32 13.47
C GLY A 980 40.46 -11.92 12.01
N LEU A 981 39.95 -12.77 11.12
CA LEU A 981 40.01 -12.51 9.69
C LEU A 981 39.13 -11.31 9.27
N ASP A 982 37.83 -11.38 9.57
CA ASP A 982 36.95 -10.31 9.11
C ASP A 982 37.23 -9.03 9.89
N GLU A 983 37.67 -9.18 11.13
CA GLU A 983 38.01 -8.01 11.97
C GLU A 983 39.10 -7.18 11.31
N ILE A 984 39.95 -7.85 10.54
CA ILE A 984 40.99 -7.19 9.78
C ILE A 984 40.41 -6.54 8.53
N LEU A 985 39.69 -7.33 7.76
CA LEU A 985 39.07 -6.86 6.54
C LEU A 985 38.08 -5.74 6.82
N LYS A 986 37.53 -5.71 8.03
CA LYS A 986 36.69 -4.61 8.46
C LYS A 986 37.53 -3.36 8.67
N PHE A 987 38.67 -3.52 9.35
CA PHE A 987 39.62 -2.44 9.60
C PHE A 987 40.00 -1.76 8.29
N ILE A 988 40.24 -2.59 7.28
CA ILE A 988 40.68 -2.14 5.97
C ILE A 988 39.72 -1.19 5.29
N ALA A 989 38.48 -1.62 5.14
CA ALA A 989 37.45 -0.84 4.44
C ALA A 989 37.31 0.54 5.04
N ARG A 990 37.37 0.60 6.37
CA ARG A 990 37.19 1.83 7.10
C ARG A 990 38.22 2.90 6.76
N ASN A 991 39.47 2.47 6.63
CA ASN A 991 40.59 3.40 6.58
C ASN A 991 41.19 3.64 5.19
N TYR A 992 40.85 2.81 4.22
CA TYR A 992 41.60 2.84 2.96
C TYR A 992 40.76 3.03 1.70
N LEU A 993 39.73 2.23 1.53
CA LEU A 993 38.77 2.49 0.48
C LEU A 993 37.75 3.49 1.03
N GLU A 994 37.06 4.22 0.16
CA GLU A 994 36.16 5.30 0.62
C GLU A 994 34.95 4.76 1.37
N GLY A 995 34.94 4.98 2.69
CA GLY A 995 33.86 4.52 3.53
C GLY A 995 34.24 4.46 5.00
C34 TG1 B . 25.13 -10.30 -6.82
C11 TG1 B . 25.01 -11.81 -6.83
C7 TG1 B . 26.17 -12.60 -6.12
C8 TG1 B . 26.27 -12.35 -4.61
C9 TG1 B . 27.59 -12.86 -4.03
C10 TG1 B . 28.06 -14.33 -4.24
C1 TG1 B . 28.23 -14.84 -5.69
C2 TG1 B . 28.86 -16.24 -5.64
O1 TG1 B . 30.05 -16.27 -6.41
C13 TG1 B . 31.18 -16.55 -5.67
O2 TG1 B . 31.04 -16.86 -4.50
C14 TG1 B . 32.46 -16.61 -6.47
C15 TG1 B . 32.77 -18.02 -6.96
C16 TG1 B . 33.21 -19.02 -5.89
C17 TG1 B . 32.95 -20.47 -6.32
C18 TG1 B . 32.77 -21.47 -5.17
C19 TG1 B . 33.61 -22.74 -5.30
C20 TG1 B . 34.76 -22.59 -6.28
C3 TG1 B . 27.91 -17.28 -6.28
O3 TG1 B . 27.35 -18.01 -5.21
C21 TG1 B . 27.79 -19.31 -5.14
O4 TG1 B . 27.91 -19.87 -6.21
C22 TG1 B . 28.30 -19.81 -3.80
C23 TG1 B . 29.38 -20.88 -4.04
C24 TG1 B . 27.28 -20.42 -2.84
C25 TG1 B . 26.03 -19.63 -2.56
C4 TG1 B . 26.88 -16.46 -7.08
C26 TG1 B . 25.54 -17.18 -7.14
C5 TG1 B . 27.05 -14.97 -6.68
C6 TG1 B . 25.83 -14.04 -6.60
O5 TG1 B . 25.42 -13.84 -7.95
C12 TG1 B . 25.26 -12.47 -8.23
O12 TG1 B . 24.16 -12.39 -9.07
C31 TG1 B . 27.27 -15.27 -3.32
O9 TG1 B . 29.35 -14.38 -3.63
C32 TG1 B . 29.83 -13.85 -2.49
O10 TG1 B . 29.18 -13.78 -1.46
C33 TG1 B . 31.33 -13.85 -2.63
O7 TG1 B . 25.12 -12.80 -3.93
C27 TG1 B . 24.27 -11.84 -3.45
O8 TG1 B . 24.47 -10.67 -3.69
C28 TG1 B . 23.17 -12.40 -2.59
C29 TG1 B . 21.81 -12.34 -3.27
C30 TG1 B . 20.71 -12.56 -2.23
O6 TG1 B . 27.38 -12.25 -6.72
O11 TG1 B . 23.85 -12.27 -6.21
C1 GOL C . -13.22 27.39 -4.55
O1 GOL C . -13.26 27.91 -3.25
C2 GOL C . -12.41 28.35 -5.37
O2 GOL C . -12.87 29.61 -4.93
C3 GOL C . -12.65 28.24 -6.85
O3 GOL C . -13.64 27.26 -7.05
K K D . 0.56 -1.68 -6.06
MG MG E . -11.00 8.67 -3.39
O TBU F . -10.06 17.72 -1.02
C TBU F . -11.30 17.27 -1.45
C1 TBU F . -11.98 16.62 -0.28
C2 TBU F . -11.11 16.27 -2.56
C3 TBU F . -12.11 18.44 -1.97
S SO4 G . -10.13 12.03 -0.14
O1 SO4 G . -11.13 11.22 0.54
O2 SO4 G . -9.63 11.28 -1.29
O3 SO4 G . -10.73 13.29 -0.61
O4 SO4 G . -9.03 12.33 0.77
#